data_2QZJ
#
_entry.id   2QZJ
#
_cell.length_a   75.044
_cell.length_b   75.044
_cell.length_c   314.252
_cell.angle_alpha   90.00
_cell.angle_beta   90.00
_cell.angle_gamma   90.00
#
_symmetry.space_group_name_H-M   'P 41 21 2'
#
loop_
_entity.id
_entity.type
_entity.pdbx_description
1 polymer 'Two-component response regulator'
2 water water
#
_entity_poly.entity_id   1
_entity_poly.type   'polypeptide(L)'
_entity_poly.pdbx_seq_one_letter_code
;(MSE)SLQTKILIIDGDKDNCQKLKGFLEEKGISIDLAYNCEEAIGKIFSNKYDLIFLEIILSDGDGWTLCKKIRNVTTC
PIVY(MSE)TYINEDQSILNALNSGGDDYLIKPLNLEILYAKVKAILRR(MSE)NSYVNNEGHHHHHH
;
_entity_poly.pdbx_strand_id   A,B,C,D,E,F
#
# COMPACT_ATOMS: atom_id res chain seq x y z
N GLN A 4 -11.22 29.40 9.29
CA GLN A 4 -11.53 29.25 7.83
C GLN A 4 -10.31 29.57 6.98
N THR A 5 -9.99 28.66 6.06
CA THR A 5 -8.85 28.86 5.17
C THR A 5 -9.03 30.14 4.36
N LYS A 6 -7.93 30.87 4.18
CA LYS A 6 -7.96 32.11 3.42
C LYS A 6 -6.87 32.07 2.35
N ILE A 7 -7.27 32.24 1.09
CA ILE A 7 -6.30 32.20 0.00
C ILE A 7 -6.33 33.49 -0.82
N LEU A 8 -5.16 33.93 -1.27
CA LEU A 8 -5.08 35.13 -2.09
C LEU A 8 -4.69 34.72 -3.51
N ILE A 9 -5.36 35.30 -4.49
CA ILE A 9 -5.06 35.02 -5.90
C ILE A 9 -4.58 36.29 -6.60
N ILE A 10 -3.35 36.25 -7.11
CA ILE A 10 -2.77 37.41 -7.77
C ILE A 10 -2.67 37.17 -9.28
N ASP A 11 -3.59 37.75 -10.04
CA ASP A 11 -3.63 37.58 -11.48
C ASP A 11 -4.30 38.78 -12.12
N GLY A 12 -3.83 39.16 -13.30
CA GLY A 12 -4.42 40.27 -14.03
C GLY A 12 -5.63 39.75 -14.76
N ASP A 13 -5.59 38.47 -15.12
CA ASP A 13 -6.71 37.86 -15.82
C ASP A 13 -7.83 37.75 -14.81
N LYS A 14 -8.85 38.60 -14.96
CA LYS A 14 -9.98 38.61 -14.05
C LYS A 14 -10.91 37.43 -14.29
N ASP A 15 -10.88 36.86 -15.48
CA ASP A 15 -11.73 35.71 -15.76
C ASP A 15 -11.20 34.55 -14.93
N ASN A 16 -9.89 34.39 -14.90
CA ASN A 16 -9.25 33.34 -14.12
C ASN A 16 -9.55 33.59 -12.64
N CYS A 17 -9.27 34.81 -12.19
CA CYS A 17 -9.53 35.20 -10.82
C CYS A 17 -10.96 34.84 -10.42
N GLN A 18 -11.89 35.09 -11.34
CA GLN A 18 -13.29 34.82 -11.09
C GLN A 18 -13.64 33.32 -11.04
N LYS A 19 -13.18 32.55 -12.02
CA LYS A 19 -13.47 31.14 -11.98
C LYS A 19 -12.78 30.55 -10.75
N LEU A 20 -11.50 30.88 -10.59
CA LEU A 20 -10.71 30.38 -9.47
C LEU A 20 -11.36 30.68 -8.13
N LYS A 21 -11.82 31.91 -7.96
CA LYS A 21 -12.46 32.33 -6.72
C LYS A 21 -13.72 31.51 -6.47
N GLY A 22 -14.65 31.55 -7.41
CA GLY A 22 -15.89 30.81 -7.28
C GLY A 22 -15.73 29.35 -6.94
N PHE A 23 -14.79 28.69 -7.63
CA PHE A 23 -14.55 27.27 -7.39
C PHE A 23 -14.03 26.93 -5.99
N LEU A 24 -13.03 27.68 -5.51
CA LEU A 24 -12.47 27.44 -4.17
C LEU A 24 -13.44 27.96 -3.11
N GLU A 25 -14.27 28.92 -3.51
CA GLU A 25 -15.25 29.49 -2.60
C GLU A 25 -16.26 28.36 -2.32
N GLU A 26 -16.46 27.52 -3.32
CA GLU A 26 -17.37 26.39 -3.21
C GLU A 26 -16.78 25.28 -2.34
N LYS A 27 -15.48 25.33 -2.09
CA LYS A 27 -14.84 24.30 -1.26
C LYS A 27 -14.73 24.78 0.20
N GLY A 28 -15.32 25.92 0.50
CA GLY A 28 -15.30 26.43 1.86
C GLY A 28 -14.22 27.45 2.17
N ILE A 29 -13.42 27.76 1.16
CA ILE A 29 -12.32 28.71 1.29
C ILE A 29 -12.74 30.15 1.00
N SER A 30 -12.30 31.06 1.86
CA SER A 30 -12.55 32.51 1.73
C SER A 30 -11.45 33.01 0.78
N ILE A 31 -11.84 33.69 -0.30
CA ILE A 31 -10.87 34.15 -1.29
C ILE A 31 -10.74 35.64 -1.54
N ASP A 32 -9.51 36.15 -1.49
CA ASP A 32 -9.22 37.56 -1.76
C ASP A 32 -8.58 37.63 -3.14
N LEU A 33 -8.78 38.74 -3.85
CA LEU A 33 -8.18 38.91 -5.19
C LEU A 33 -7.19 40.07 -5.22
N ALA A 34 -6.49 40.20 -6.35
CA ALA A 34 -5.49 41.23 -6.56
C ALA A 34 -5.11 41.15 -8.03
N TYR A 35 -5.18 42.27 -8.73
CA TYR A 35 -4.90 42.30 -10.16
C TYR A 35 -3.48 42.67 -10.52
N ASN A 36 -2.68 43.02 -9.51
CA ASN A 36 -1.31 43.42 -9.74
C ASN A 36 -0.52 43.44 -8.44
N CYS A 37 0.80 43.53 -8.58
CA CYS A 37 1.69 43.56 -7.43
C CYS A 37 1.21 44.53 -6.36
N GLU A 38 1.12 45.79 -6.74
CA GLU A 38 0.69 46.84 -5.82
C GLU A 38 -0.54 46.42 -5.02
N GLU A 39 -1.59 45.99 -5.72
CA GLU A 39 -2.82 45.55 -5.07
C GLU A 39 -2.54 44.35 -4.18
N ALA A 40 -1.59 43.53 -4.59
CA ALA A 40 -1.21 42.33 -3.86
C ALA A 40 -0.53 42.66 -2.53
N ILE A 41 0.45 43.56 -2.58
CA ILE A 41 1.18 43.95 -1.36
C ILE A 41 0.23 44.49 -0.31
N GLY A 42 -0.83 45.17 -0.76
CA GLY A 42 -1.79 45.71 0.16
C GLY A 42 -2.47 44.58 0.92
N LYS A 43 -2.98 43.62 0.16
CA LYS A 43 -3.65 42.46 0.72
C LYS A 43 -2.76 41.70 1.69
N ILE A 44 -1.47 41.65 1.32
CA ILE A 44 -0.45 40.97 2.09
C ILE A 44 -0.16 41.68 3.42
N PHE A 45 -0.15 43.01 3.38
CA PHE A 45 0.08 43.81 4.56
C PHE A 45 -1.14 43.75 5.47
N SER A 46 -2.31 43.55 4.86
CA SER A 46 -3.58 43.54 5.57
C SER A 46 -4.15 42.20 6.02
N ASN A 47 -3.67 41.09 5.48
CA ASN A 47 -4.22 39.79 5.87
C ASN A 47 -3.21 38.67 5.97
N LYS A 48 -3.62 37.57 6.57
CA LYS A 48 -2.77 36.41 6.69
C LYS A 48 -3.42 35.36 5.81
N TYR A 49 -2.64 34.73 4.96
CA TYR A 49 -3.17 33.73 4.06
C TYR A 49 -2.57 32.36 4.32
N ASP A 50 -3.29 31.33 3.90
CA ASP A 50 -2.83 29.97 4.07
C ASP A 50 -2.09 29.56 2.81
N LEU A 51 -2.48 30.17 1.70
CA LEU A 51 -1.87 29.86 0.43
C LEU A 51 -2.06 31.05 -0.52
N ILE A 52 -1.08 31.28 -1.37
CA ILE A 52 -1.13 32.36 -2.33
C ILE A 52 -0.85 31.84 -3.75
N PHE A 53 -1.75 32.15 -4.68
CA PHE A 53 -1.58 31.79 -6.08
C PHE A 53 -1.04 33.06 -6.72
N LEU A 54 0.03 32.92 -7.49
CA LEU A 54 0.71 34.05 -8.12
C LEU A 54 1.06 33.83 -9.58
N GLU A 55 0.63 34.75 -10.45
CA GLU A 55 0.95 34.66 -11.88
C GLU A 55 2.34 35.26 -12.05
N ILE A 56 3.02 34.91 -13.15
CA ILE A 56 4.37 35.43 -13.39
C ILE A 56 4.40 36.83 -13.98
N ILE A 57 3.53 37.09 -14.94
CA ILE A 57 3.49 38.40 -15.56
C ILE A 57 2.32 39.21 -15.03
N LEU A 58 2.65 40.41 -14.56
CA LEU A 58 1.68 41.35 -14.01
C LEU A 58 1.87 42.72 -14.67
N SER A 59 0.79 43.49 -14.76
CA SER A 59 0.88 44.81 -15.38
C SER A 59 1.88 45.75 -14.72
N ASP A 60 2.27 45.50 -13.48
CA ASP A 60 3.21 46.39 -12.82
C ASP A 60 4.43 45.73 -12.20
N GLY A 61 4.81 44.57 -12.72
CA GLY A 61 5.97 43.87 -12.20
C GLY A 61 5.84 42.40 -12.55
N ASP A 62 6.79 41.58 -12.11
CA ASP A 62 6.73 40.14 -12.40
C ASP A 62 6.48 39.34 -11.12
N GLY A 63 6.15 38.07 -11.26
CA GLY A 63 5.88 37.22 -10.12
C GLY A 63 7.11 36.80 -9.35
N TRP A 64 8.26 36.80 -10.01
CA TRP A 64 9.50 36.41 -9.35
C TRP A 64 9.88 37.47 -8.31
N THR A 65 9.80 38.72 -8.72
CA THR A 65 10.12 39.82 -7.84
C THR A 65 9.11 39.93 -6.71
N LEU A 66 7.82 39.88 -7.06
CA LEU A 66 6.74 39.96 -6.09
C LEU A 66 6.84 38.83 -5.08
N CYS A 67 7.32 37.68 -5.54
CA CYS A 67 7.46 36.55 -4.66
C CYS A 67 8.44 36.96 -3.56
N LYS A 68 9.65 37.30 -3.98
CA LYS A 68 10.68 37.72 -3.03
C LYS A 68 10.14 38.75 -2.04
N LYS A 69 9.40 39.74 -2.54
CA LYS A 69 8.83 40.76 -1.70
C LYS A 69 7.82 40.21 -0.68
N ILE A 70 6.96 39.29 -1.12
CA ILE A 70 5.95 38.68 -0.26
C ILE A 70 6.63 37.97 0.89
N ARG A 71 7.75 37.32 0.58
CA ARG A 71 8.52 36.59 1.57
C ARG A 71 9.09 37.50 2.67
N ASN A 72 9.15 38.79 2.40
CA ASN A 72 9.62 39.77 3.39
C ASN A 72 8.54 39.91 4.44
N VAL A 73 7.34 39.43 4.14
CA VAL A 73 6.24 39.57 5.07
C VAL A 73 5.69 38.23 5.55
N THR A 74 5.64 37.25 4.66
CA THR A 74 5.10 35.95 5.01
C THR A 74 5.78 34.78 4.32
N THR A 75 5.85 33.64 5.01
CA THR A 75 6.45 32.45 4.41
C THR A 75 5.32 31.52 3.95
N CYS A 76 4.11 32.06 3.91
CA CYS A 76 2.92 31.34 3.48
C CYS A 76 3.16 30.66 2.12
N PRO A 77 2.67 29.42 1.93
CA PRO A 77 2.89 28.73 0.65
C PRO A 77 2.49 29.56 -0.57
N ILE A 78 3.34 29.54 -1.59
CA ILE A 78 3.07 30.30 -2.80
C ILE A 78 3.08 29.38 -4.01
N VAL A 79 2.02 29.46 -4.80
CA VAL A 79 1.87 28.66 -6.01
C VAL A 79 1.65 29.51 -7.26
N TYR A 80 2.60 29.45 -8.19
CA TYR A 80 2.56 30.19 -9.46
C TYR A 80 1.57 29.60 -10.47
N THR A 82 0.58 30.09 -14.57
CA THR A 82 1.11 30.73 -15.76
C THR A 82 1.14 29.85 -17.00
N TYR A 83 1.06 30.48 -18.15
CA TYR A 83 1.14 29.74 -19.40
C TYR A 83 2.59 29.43 -19.72
N ILE A 84 3.52 30.13 -19.07
CA ILE A 84 4.93 29.92 -19.33
C ILE A 84 5.43 28.59 -18.78
N ASN A 85 5.75 27.66 -19.68
CA ASN A 85 6.23 26.37 -19.27
C ASN A 85 7.66 26.12 -19.73
N GLU A 86 8.63 26.67 -19.00
CA GLU A 86 10.04 26.53 -19.35
C GLU A 86 10.85 26.22 -18.08
N ASP A 87 11.86 25.36 -18.19
CA ASP A 87 12.67 25.02 -17.03
C ASP A 87 13.28 26.18 -16.29
N GLN A 88 13.77 27.18 -17.02
CA GLN A 88 14.39 28.33 -16.37
C GLN A 88 13.42 29.18 -15.59
N SER A 89 12.20 29.31 -16.10
CA SER A 89 11.19 30.09 -15.40
C SER A 89 10.79 29.39 -14.09
N ILE A 90 10.67 28.07 -14.12
CA ILE A 90 10.27 27.31 -12.94
C ILE A 90 11.36 27.28 -11.86
N LEU A 91 12.60 27.02 -12.26
CA LEU A 91 13.70 26.98 -11.30
C LEU A 91 13.76 28.33 -10.59
N ASN A 92 13.45 29.38 -11.34
CA ASN A 92 13.50 30.73 -10.80
C ASN A 92 12.36 30.96 -9.83
N ALA A 93 11.15 30.59 -10.23
CA ALA A 93 9.97 30.75 -9.39
C ALA A 93 10.16 30.02 -8.04
N LEU A 94 10.64 28.79 -8.11
CA LEU A 94 10.87 27.97 -6.92
C LEU A 94 11.97 28.50 -5.99
N ASN A 95 13.03 29.06 -6.57
CA ASN A 95 14.12 29.56 -5.76
C ASN A 95 13.84 30.90 -5.14
N SER A 96 12.89 31.64 -5.71
CA SER A 96 12.53 32.96 -5.19
C SER A 96 11.67 32.83 -3.96
N GLY A 97 11.46 31.61 -3.53
CA GLY A 97 10.66 31.36 -2.35
C GLY A 97 9.38 30.64 -2.67
N GLY A 98 9.24 30.21 -3.93
CA GLY A 98 8.05 29.51 -4.37
C GLY A 98 7.99 28.03 -4.03
N ASP A 99 6.76 27.52 -3.85
CA ASP A 99 6.54 26.12 -3.50
C ASP A 99 6.13 25.20 -4.67
N ASP A 100 5.14 25.61 -5.44
CA ASP A 100 4.70 24.81 -6.58
C ASP A 100 4.48 25.77 -7.74
N TYR A 101 4.34 25.21 -8.94
CA TYR A 101 4.18 25.98 -10.17
C TYR A 101 3.22 25.24 -11.12
N LEU A 102 2.01 25.77 -11.30
CA LEU A 102 1.00 25.15 -12.17
C LEU A 102 0.88 25.84 -13.53
N ILE A 103 0.61 25.06 -14.56
CA ILE A 103 0.49 25.59 -15.92
C ILE A 103 -0.96 25.79 -16.40
N LYS A 104 -1.20 26.91 -17.07
CA LYS A 104 -2.53 27.23 -17.60
C LYS A 104 -2.77 26.58 -18.96
N PRO A 105 -4.05 26.32 -19.29
CA PRO A 105 -5.23 26.61 -18.47
C PRO A 105 -5.29 25.68 -17.26
N LEU A 106 -5.41 26.27 -16.08
CA LEU A 106 -5.46 25.51 -14.84
C LEU A 106 -6.47 24.36 -14.80
N ASN A 107 -6.00 23.23 -14.27
CA ASN A 107 -6.79 22.02 -14.08
C ASN A 107 -7.30 22.09 -12.62
N LEU A 108 -8.42 22.78 -12.43
CA LEU A 108 -8.99 22.99 -11.10
C LEU A 108 -9.02 21.77 -10.19
N GLU A 109 -9.13 20.57 -10.77
CA GLU A 109 -9.18 19.37 -9.95
C GLU A 109 -7.83 19.06 -9.31
N ILE A 110 -6.78 18.97 -10.12
CA ILE A 110 -5.47 18.67 -9.58
C ILE A 110 -5.03 19.83 -8.69
N LEU A 111 -5.53 21.02 -8.99
CA LEU A 111 -5.21 22.21 -8.20
C LEU A 111 -5.68 22.02 -6.77
N TYR A 112 -6.97 21.73 -6.62
CA TYR A 112 -7.55 21.53 -5.31
C TYR A 112 -6.91 20.35 -4.55
N ALA A 113 -6.40 19.36 -5.29
CA ALA A 113 -5.75 18.24 -4.63
C ALA A 113 -4.48 18.77 -3.99
N LYS A 114 -3.72 19.57 -4.75
CA LYS A 114 -2.49 20.19 -4.28
C LYS A 114 -2.81 21.07 -3.07
N VAL A 115 -3.83 21.91 -3.22
CA VAL A 115 -4.25 22.81 -2.16
C VAL A 115 -4.47 22.01 -0.88
N LYS A 116 -5.18 20.89 -0.97
CA LYS A 116 -5.46 20.05 0.20
C LYS A 116 -4.20 19.38 0.74
N ALA A 117 -3.35 18.92 -0.16
CA ALA A 117 -2.12 18.29 0.24
C ALA A 117 -1.26 19.29 1.01
N ILE A 118 -1.24 20.55 0.55
CA ILE A 118 -0.45 21.60 1.17
C ILE A 118 -0.94 22.01 2.55
N LEU A 119 -2.26 22.15 2.70
CA LEU A 119 -2.82 22.52 3.99
C LEU A 119 -2.68 21.34 4.92
N ARG A 120 -2.87 20.13 4.39
CA ARG A 120 -2.74 18.93 5.22
C ARG A 120 -1.37 18.98 5.88
N ARG A 121 -0.33 19.12 5.06
CA ARG A 121 1.03 19.20 5.59
C ARG A 121 1.12 20.37 6.57
N ASN A 123 -1.08 21.85 8.38
CA ASN A 123 -1.76 21.65 9.66
C ASN A 123 -1.43 20.34 10.38
N SER A 124 -1.42 19.23 9.64
CA SER A 124 -1.10 17.93 10.22
C SER A 124 0.38 17.58 10.02
N GLN B 4 23.03 15.97 7.70
CA GLN B 4 22.96 15.65 6.24
C GLN B 4 21.57 15.19 5.80
N THR B 5 21.13 15.68 4.64
CA THR B 5 19.83 15.33 4.09
C THR B 5 19.84 13.90 3.59
N LYS B 6 18.87 13.10 4.04
CA LYS B 6 18.79 11.71 3.63
C LYS B 6 17.42 11.43 3.00
N ILE B 7 17.46 11.02 1.73
CA ILE B 7 16.26 10.72 0.95
C ILE B 7 16.20 9.25 0.52
N LEU B 8 15.00 8.67 0.52
CA LEU B 8 14.79 7.28 0.10
C LEU B 8 14.11 7.24 -1.29
N ILE B 9 14.55 6.34 -2.15
CA ILE B 9 14.02 6.18 -3.50
C ILE B 9 13.40 4.78 -3.72
N ILE B 10 12.08 4.71 -3.76
CA ILE B 10 11.38 3.44 -3.95
C ILE B 10 10.99 3.30 -5.42
N ASP B 11 11.61 2.36 -6.13
CA ASP B 11 11.32 2.19 -7.55
C ASP B 11 11.91 0.89 -8.08
N GLY B 12 11.10 0.11 -8.77
CA GLY B 12 11.58 -1.14 -9.33
C GLY B 12 12.64 -0.98 -10.40
N ASP B 13 12.60 0.16 -11.12
CA ASP B 13 13.56 0.43 -12.19
C ASP B 13 14.91 0.82 -11.58
N LYS B 14 15.89 -0.05 -11.72
CA LYS B 14 17.20 0.22 -11.14
C LYS B 14 17.98 1.24 -11.94
N ASP B 15 17.72 1.32 -13.24
CA ASP B 15 18.42 2.31 -14.06
C ASP B 15 18.03 3.66 -13.50
N ASN B 16 16.72 3.85 -13.32
CA ASN B 16 16.18 5.09 -12.79
C ASN B 16 16.69 5.29 -11.36
N CYS B 17 16.66 4.24 -10.56
CA CYS B 17 17.15 4.36 -9.18
C CYS B 17 18.58 4.85 -9.13
N GLN B 18 19.43 4.30 -10.00
CA GLN B 18 20.83 4.69 -10.03
C GLN B 18 20.98 6.12 -10.59
N LYS B 19 20.32 6.41 -11.70
CA LYS B 19 20.38 7.74 -12.31
C LYS B 19 20.06 8.83 -11.28
N LEU B 20 18.95 8.69 -10.56
CA LEU B 20 18.56 9.67 -9.55
C LEU B 20 19.55 9.75 -8.38
N LYS B 21 19.97 8.58 -7.90
CA LYS B 21 20.91 8.50 -6.79
C LYS B 21 22.21 9.24 -7.12
N GLY B 22 22.65 9.11 -8.36
CA GLY B 22 23.87 9.77 -8.79
C GLY B 22 23.69 11.27 -8.83
N PHE B 23 22.57 11.70 -9.41
CA PHE B 23 22.26 13.13 -9.52
C PHE B 23 22.16 13.78 -8.15
N LEU B 24 21.31 13.22 -7.29
CA LEU B 24 21.09 13.77 -5.96
C LEU B 24 22.24 13.59 -5.01
N GLU B 25 23.12 12.64 -5.31
CA GLU B 25 24.24 12.39 -4.43
C GLU B 25 25.28 13.48 -4.58
N GLU B 26 25.48 13.96 -5.81
CA GLU B 26 26.46 15.00 -6.05
C GLU B 26 25.97 16.34 -5.50
N LYS B 27 24.73 16.38 -5.03
CA LYS B 27 24.18 17.60 -4.44
C LYS B 27 24.44 17.47 -2.94
N GLY B 28 25.11 16.39 -2.56
CA GLY B 28 25.44 16.15 -1.17
C GLY B 28 24.37 15.46 -0.35
N ILE B 29 23.51 14.72 -1.03
CA ILE B 29 22.42 14.01 -0.35
C ILE B 29 22.73 12.53 -0.17
N SER B 30 22.40 12.03 1.01
CA SER B 30 22.60 10.61 1.33
C SER B 30 21.34 9.86 0.85
N ILE B 31 21.54 8.89 -0.02
CA ILE B 31 20.42 8.15 -0.60
C ILE B 31 20.33 6.66 -0.31
N ASP B 32 19.10 6.19 -0.03
CA ASP B 32 18.83 4.78 0.23
C ASP B 32 17.83 4.29 -0.82
N LEU B 33 17.96 3.03 -1.24
CA LEU B 33 17.06 2.49 -2.26
C LEU B 33 16.18 1.36 -1.75
N ALA B 34 15.03 1.19 -2.38
CA ALA B 34 14.08 0.14 -2.06
C ALA B 34 13.51 -0.24 -3.41
N TYR B 35 13.52 -1.52 -3.74
CA TYR B 35 13.03 -1.93 -5.04
C TYR B 35 11.57 -2.38 -5.08
N ASN B 36 10.96 -2.47 -3.90
CA ASN B 36 9.57 -2.88 -3.82
C ASN B 36 8.96 -2.45 -2.49
N CYS B 37 7.66 -2.65 -2.35
CA CYS B 37 6.96 -2.28 -1.13
C CYS B 37 7.65 -2.80 0.11
N GLU B 38 7.99 -4.09 0.12
CA GLU B 38 8.64 -4.68 1.28
C GLU B 38 9.99 -4.05 1.63
N GLU B 39 10.92 -3.99 0.66
CA GLU B 39 12.21 -3.38 0.92
C GLU B 39 12.01 -1.97 1.49
N ALA B 40 11.11 -1.21 0.87
CA ALA B 40 10.81 0.14 1.30
C ALA B 40 10.35 0.22 2.75
N ILE B 41 9.31 -0.54 3.08
CA ILE B 41 8.77 -0.54 4.44
C ILE B 41 9.85 -0.91 5.46
N GLY B 42 10.85 -1.67 4.99
CA GLY B 42 11.93 -2.09 5.87
C GLY B 42 12.90 -0.97 6.21
N LYS B 43 13.18 -0.10 5.24
CA LYS B 43 14.10 1.01 5.45
C LYS B 43 13.42 2.23 6.08
N ILE B 44 12.08 2.30 5.98
CA ILE B 44 11.35 3.41 6.57
C ILE B 44 11.42 3.18 8.07
N PHE B 45 11.99 2.04 8.43
CA PHE B 45 12.14 1.63 9.82
C PHE B 45 13.60 1.84 10.23
N SER B 46 14.51 1.42 9.35
CA SER B 46 15.95 1.53 9.59
C SER B 46 16.44 2.98 9.60
N ASN B 47 15.73 3.87 8.91
CA ASN B 47 16.16 5.25 8.84
C ASN B 47 15.03 6.28 8.96
N LYS B 48 15.42 7.54 8.96
CA LYS B 48 14.48 8.65 9.01
C LYS B 48 14.90 9.58 7.90
N TYR B 49 14.13 9.57 6.81
CA TYR B 49 14.43 10.39 5.64
C TYR B 49 13.77 11.76 5.65
N ASP B 50 14.34 12.66 4.86
CA ASP B 50 13.83 14.03 4.75
C ASP B 50 12.80 14.07 3.65
N LEU B 51 13.03 13.24 2.63
CA LEU B 51 12.14 13.18 1.49
C LEU B 51 12.11 11.77 0.92
N ILE B 52 10.94 11.36 0.40
CA ILE B 52 10.78 10.04 -0.18
C ILE B 52 10.17 10.04 -1.58
N PHE B 53 10.90 9.50 -2.55
CA PHE B 53 10.39 9.41 -3.91
C PHE B 53 9.74 8.02 -4.05
N LEU B 54 8.50 7.99 -4.50
CA LEU B 54 7.74 6.76 -4.63
C LEU B 54 7.19 6.55 -6.04
N GLU B 55 7.24 5.30 -6.52
CA GLU B 55 6.73 4.95 -7.84
C GLU B 55 5.32 4.39 -7.62
N ILE B 56 4.51 4.31 -8.67
CA ILE B 56 3.17 3.76 -8.51
C ILE B 56 3.12 2.24 -8.68
N ILE B 57 3.75 1.74 -9.75
CA ILE B 57 3.76 0.32 -10.00
C ILE B 57 4.98 -0.36 -9.36
N LEU B 58 4.71 -1.37 -8.54
CA LEU B 58 5.76 -2.12 -7.86
C LEU B 58 5.41 -3.60 -7.94
N SER B 59 6.43 -4.45 -7.93
CA SER B 59 6.24 -5.89 -8.00
C SER B 59 5.60 -6.43 -6.73
N ASP B 60 5.59 -5.56 -5.73
CA ASP B 60 5.10 -5.83 -4.39
C ASP B 60 3.67 -5.38 -4.11
N GLY B 61 3.20 -4.41 -4.87
CA GLY B 61 1.87 -3.85 -4.70
C GLY B 61 1.89 -2.46 -5.33
N ASP B 62 0.85 -1.67 -5.10
CA ASP B 62 0.81 -0.34 -5.69
C ASP B 62 1.26 0.75 -4.73
N GLY B 63 1.85 1.80 -5.29
CA GLY B 63 2.33 2.90 -4.48
C GLY B 63 1.25 3.67 -3.74
N TRP B 64 0.03 3.70 -4.27
CA TRP B 64 -1.05 4.40 -3.60
C TRP B 64 -1.30 3.80 -2.21
N THR B 65 -1.10 2.50 -2.10
CA THR B 65 -1.32 1.82 -0.82
C THR B 65 -0.09 1.99 0.05
N LEU B 66 1.08 1.84 -0.57
CA LEU B 66 2.34 1.98 0.14
C LEU B 66 2.44 3.41 0.72
N CYS B 67 1.65 4.33 0.17
CA CYS B 67 1.67 5.69 0.67
C CYS B 67 0.83 5.77 1.95
N LYS B 68 -0.42 5.30 1.86
CA LYS B 68 -1.33 5.30 2.99
C LYS B 68 -0.68 4.55 4.14
N LYS B 69 0.04 3.48 3.78
CA LYS B 69 0.72 2.67 4.77
C LYS B 69 1.81 3.48 5.44
N ILE B 70 2.76 3.98 4.64
CA ILE B 70 3.86 4.79 5.15
C ILE B 70 3.35 5.95 6.01
N ARG B 71 2.23 6.54 5.61
CA ARG B 71 1.68 7.65 6.38
C ARG B 71 1.26 7.26 7.79
N ASN B 72 1.44 6.00 8.14
CA ASN B 72 1.10 5.53 9.47
C ASN B 72 2.34 5.66 10.34
N VAL B 73 3.49 5.59 9.69
CA VAL B 73 4.76 5.71 10.39
C VAL B 73 5.15 7.18 10.38
N THR B 74 5.73 7.62 9.26
CA THR B 74 6.20 8.99 9.11
C THR B 74 5.26 9.94 8.37
N THR B 75 5.50 11.24 8.51
CA THR B 75 4.72 12.25 7.79
C THR B 75 5.68 12.84 6.76
N CYS B 76 6.84 12.18 6.66
CA CYS B 76 7.91 12.55 5.74
C CYS B 76 7.38 12.84 4.34
N PRO B 77 7.85 13.96 3.73
CA PRO B 77 7.42 14.35 2.39
C PRO B 77 7.57 13.23 1.36
N ILE B 78 6.46 12.90 0.71
CA ILE B 78 6.44 11.87 -0.32
C ILE B 78 6.13 12.48 -1.69
N VAL B 79 7.03 12.25 -2.65
CA VAL B 79 6.86 12.74 -4.02
C VAL B 79 6.83 11.55 -4.98
N TYR B 80 5.77 11.44 -5.77
CA TYR B 80 5.65 10.34 -6.74
C TYR B 80 6.47 10.51 -8.05
N THR B 82 6.63 8.69 -11.96
CA THR B 82 5.97 7.70 -12.79
C THR B 82 5.59 8.18 -14.18
N TYR B 83 5.43 7.24 -15.09
CA TYR B 83 5.02 7.58 -16.44
C TYR B 83 3.51 7.83 -16.47
N ILE B 84 2.78 7.21 -15.54
CA ILE B 84 1.33 7.39 -15.50
C ILE B 84 0.97 8.87 -15.36
N ASN B 85 0.35 9.42 -16.41
CA ASN B 85 -0.02 10.82 -16.38
C ASN B 85 -1.53 11.07 -16.41
N GLU B 86 -2.28 10.27 -15.67
CA GLU B 86 -3.73 10.39 -15.59
C GLU B 86 -4.15 11.21 -14.37
N ASP B 87 -5.10 12.13 -14.56
CA ASP B 87 -5.57 12.94 -13.46
C ASP B 87 -5.92 12.16 -12.20
N GLN B 88 -6.76 11.13 -12.37
CA GLN B 88 -7.18 10.30 -11.24
C GLN B 88 -6.01 9.74 -10.48
N SER B 89 -4.94 9.41 -11.19
CA SER B 89 -3.77 8.87 -10.54
C SER B 89 -3.15 9.92 -9.61
N ILE B 90 -3.03 11.15 -10.10
CA ILE B 90 -2.46 12.25 -9.33
C ILE B 90 -3.34 12.53 -8.09
N LEU B 91 -4.65 12.55 -8.32
CA LEU B 91 -5.59 12.77 -7.22
C LEU B 91 -5.42 11.67 -6.18
N ASN B 92 -5.36 10.42 -6.64
CA ASN B 92 -5.18 9.28 -5.74
C ASN B 92 -3.89 9.43 -4.95
N ALA B 93 -2.81 9.77 -5.66
CA ALA B 93 -1.49 9.95 -5.04
C ALA B 93 -1.51 11.02 -3.96
N LEU B 94 -2.03 12.20 -4.29
CA LEU B 94 -2.11 13.31 -3.34
C LEU B 94 -3.03 13.00 -2.16
N ASN B 95 -4.17 12.37 -2.44
CA ASN B 95 -5.11 12.03 -1.37
C ASN B 95 -4.64 10.89 -0.49
N SER B 96 -3.49 10.30 -0.81
CA SER B 96 -2.95 9.20 -0.03
C SER B 96 -1.85 9.71 0.88
N GLY B 97 -1.66 11.03 0.87
CA GLY B 97 -0.63 11.61 1.70
C GLY B 97 0.51 12.11 0.85
N GLY B 98 0.38 11.97 -0.46
CA GLY B 98 1.43 12.42 -1.37
C GLY B 98 1.59 13.93 -1.32
N ASP B 99 2.79 14.42 -1.58
CA ASP B 99 3.05 15.84 -1.54
C ASP B 99 3.23 16.44 -2.93
N ASP B 100 3.76 15.66 -3.85
CA ASP B 100 3.94 16.11 -5.22
C ASP B 100 3.91 14.88 -6.10
N TYR B 101 3.90 15.09 -7.40
CA TYR B 101 3.82 14.00 -8.35
C TYR B 101 4.58 14.41 -9.62
N LEU B 102 5.64 13.69 -9.95
CA LEU B 102 6.42 14.02 -11.14
C LEU B 102 6.29 12.96 -12.23
N ILE B 103 6.33 13.39 -13.48
CA ILE B 103 6.20 12.50 -14.64
C ILE B 103 7.55 12.12 -15.25
N LYS B 104 7.70 10.84 -15.59
CA LYS B 104 8.92 10.33 -16.21
C LYS B 104 8.86 10.49 -17.72
N PRO B 105 10.02 10.61 -18.38
CA PRO B 105 11.37 10.62 -17.79
C PRO B 105 11.57 11.80 -16.84
N LEU B 106 12.09 11.53 -15.65
CA LEU B 106 12.32 12.60 -14.68
C LEU B 106 13.20 13.73 -15.20
N ASN B 107 12.79 14.95 -14.90
CA ASN B 107 13.54 16.13 -15.27
C ASN B 107 14.30 16.40 -13.97
N LEU B 108 15.58 16.07 -13.96
CA LEU B 108 16.39 16.25 -12.75
C LEU B 108 16.52 17.66 -12.18
N GLU B 109 16.75 18.66 -13.02
CA GLU B 109 16.89 20.02 -12.51
C GLU B 109 15.64 20.53 -11.79
N ILE B 110 14.48 20.28 -12.38
CA ILE B 110 13.23 20.69 -11.77
C ILE B 110 12.99 19.90 -10.46
N LEU B 111 13.25 18.60 -10.51
CA LEU B 111 13.10 17.75 -9.33
C LEU B 111 13.95 18.32 -8.20
N TYR B 112 15.17 18.73 -8.50
CA TYR B 112 16.03 19.27 -7.46
C TYR B 112 15.49 20.59 -6.89
N ALA B 113 14.99 21.46 -7.77
CA ALA B 113 14.42 22.75 -7.35
C ALA B 113 13.32 22.49 -6.34
N LYS B 114 12.49 21.50 -6.64
CA LYS B 114 11.38 21.09 -5.81
C LYS B 114 11.83 20.44 -4.50
N VAL B 115 12.96 19.76 -4.52
CA VAL B 115 13.47 19.15 -3.30
C VAL B 115 13.87 20.33 -2.42
N LYS B 116 14.70 21.23 -2.97
CA LYS B 116 15.13 22.41 -2.22
C LYS B 116 13.96 23.21 -1.68
N ALA B 117 12.92 23.36 -2.51
CA ALA B 117 11.74 24.11 -2.09
C ALA B 117 11.12 23.42 -0.89
N ILE B 118 10.93 22.10 -0.99
CA ILE B 118 10.33 21.33 0.10
C ILE B 118 11.18 21.40 1.37
N LEU B 119 12.49 21.11 1.25
CA LEU B 119 13.40 21.15 2.39
C LEU B 119 13.42 22.52 3.05
N ARG B 120 13.52 23.56 2.22
CA ARG B 120 13.54 24.94 2.68
C ARG B 120 12.34 25.16 3.58
N ARG B 121 11.18 24.82 3.04
CA ARG B 121 9.93 24.97 3.77
C ARG B 121 9.96 24.23 5.08
N ASN B 123 12.64 23.49 6.84
CA ASN B 123 13.69 23.95 7.74
C ASN B 123 13.71 25.45 8.05
N SER B 124 12.78 26.21 7.47
CA SER B 124 12.73 27.65 7.72
C SER B 124 11.29 28.14 7.67
N GLN C 4 12.80 -27.07 24.29
CA GLN C 4 13.25 -25.65 24.06
C GLN C 4 12.11 -24.82 23.48
N THR C 5 12.07 -23.54 23.85
CA THR C 5 11.03 -22.64 23.35
C THR C 5 11.30 -22.24 21.91
N LYS C 6 10.24 -22.19 21.11
CA LYS C 6 10.34 -21.82 19.71
C LYS C 6 9.46 -20.61 19.44
N ILE C 7 10.09 -19.54 18.96
CA ILE C 7 9.36 -18.30 18.67
C ILE C 7 9.42 -17.87 17.20
N LEU C 8 8.30 -17.33 16.72
CA LEU C 8 8.16 -16.87 15.35
C LEU C 8 8.09 -15.34 15.29
N ILE C 9 8.80 -14.74 14.34
CA ILE C 9 8.79 -13.28 14.18
C ILE C 9 8.32 -12.85 12.78
N ILE C 10 7.17 -12.20 12.72
CA ILE C 10 6.57 -11.74 11.46
C ILE C 10 6.90 -10.25 11.24
N ASP C 11 7.93 -9.95 10.46
CA ASP C 11 8.35 -8.58 10.20
C ASP C 11 9.22 -8.45 8.93
N GLY C 12 8.91 -7.44 8.11
CA GLY C 12 9.66 -7.24 6.88
C GLY C 12 11.01 -6.55 7.08
N ASP C 13 11.17 -5.90 8.23
CA ASP C 13 12.42 -5.21 8.54
C ASP C 13 13.43 -6.32 8.83
N LYS C 14 14.22 -6.68 7.84
CA LYS C 14 15.20 -7.73 8.02
C LYS C 14 16.25 -7.46 9.11
N ASP C 15 16.47 -6.20 9.48
CA ASP C 15 17.44 -5.91 10.51
C ASP C 15 16.83 -6.21 11.87
N ASN C 16 15.62 -5.73 12.11
CA ASN C 16 14.95 -5.97 13.37
C ASN C 16 14.91 -7.48 13.60
N CYS C 17 14.50 -8.23 12.57
CA CYS C 17 14.44 -9.68 12.65
C CYS C 17 15.75 -10.25 13.17
N GLN C 18 16.85 -9.93 12.49
CA GLN C 18 18.14 -10.44 12.90
C GLN C 18 18.53 -10.01 14.29
N LYS C 19 18.48 -8.71 14.56
CA LYS C 19 18.82 -8.18 15.89
C LYS C 19 18.08 -8.96 16.98
N LEU C 20 16.79 -9.24 16.74
CA LEU C 20 15.94 -9.98 17.66
C LEU C 20 16.25 -11.48 17.69
N LYS C 21 16.62 -12.01 16.53
CA LYS C 21 16.98 -13.41 16.37
C LYS C 21 18.22 -13.69 17.20
N GLY C 22 19.28 -12.93 16.92
CA GLY C 22 20.53 -13.10 17.63
C GLY C 22 20.36 -13.05 19.13
N PHE C 23 19.69 -12.01 19.61
CA PHE C 23 19.47 -11.82 21.03
C PHE C 23 18.72 -12.95 21.71
N LEU C 24 17.57 -13.34 21.16
CA LEU C 24 16.77 -14.38 21.77
C LEU C 24 17.40 -15.77 21.69
N GLU C 25 18.17 -16.04 20.65
CA GLU C 25 18.82 -17.34 20.53
C GLU C 25 19.89 -17.47 21.61
N GLU C 26 20.53 -16.36 21.95
CA GLU C 26 21.56 -16.35 22.98
C GLU C 26 20.92 -16.75 24.30
N LYS C 27 19.66 -16.39 24.50
CA LYS C 27 18.96 -16.76 25.72
C LYS C 27 18.44 -18.19 25.57
N GLY C 28 18.81 -18.83 24.47
CA GLY C 28 18.40 -20.21 24.23
C GLY C 28 17.06 -20.47 23.54
N ILE C 29 16.61 -19.53 22.71
CA ILE C 29 15.35 -19.70 22.01
C ILE C 29 15.55 -19.89 20.50
N SER C 30 14.90 -20.90 19.94
CA SER C 30 15.00 -21.14 18.50
C SER C 30 14.02 -20.18 17.87
N ILE C 31 14.43 -19.54 16.78
CA ILE C 31 13.60 -18.55 16.12
C ILE C 31 13.45 -18.72 14.63
N ASP C 32 12.21 -18.70 14.15
CA ASP C 32 11.91 -18.79 12.73
C ASP C 32 11.62 -17.35 12.32
N LEU C 33 11.78 -17.02 11.04
CA LEU C 33 11.52 -15.66 10.57
C LEU C 33 10.60 -15.58 9.35
N ALA C 34 9.50 -14.85 9.46
CA ALA C 34 8.57 -14.68 8.34
C ALA C 34 8.57 -13.20 7.95
N TYR C 35 8.77 -12.94 6.65
CA TYR C 35 8.82 -11.57 6.14
C TYR C 35 7.48 -10.96 5.73
N ASN C 36 6.40 -11.71 5.85
CA ASN C 36 5.09 -11.20 5.46
C ASN C 36 4.00 -12.21 5.76
N CYS C 37 2.76 -11.80 5.56
CA CYS C 37 1.60 -12.65 5.82
C CYS C 37 1.71 -14.02 5.17
N GLU C 38 2.16 -14.05 3.92
CA GLU C 38 2.27 -15.31 3.23
C GLU C 38 3.31 -16.19 3.92
N GLU C 39 4.50 -15.65 4.14
CA GLU C 39 5.55 -16.42 4.79
C GLU C 39 5.20 -16.82 6.22
N ALA C 40 4.40 -16.00 6.90
CA ALA C 40 4.00 -16.28 8.27
C ALA C 40 3.06 -17.49 8.27
N ILE C 41 2.16 -17.52 7.29
CA ILE C 41 1.23 -18.63 7.19
C ILE C 41 2.00 -19.93 6.89
N GLY C 42 3.04 -19.82 6.09
CA GLY C 42 3.83 -20.99 5.77
C GLY C 42 4.47 -21.55 7.04
N LYS C 43 5.08 -20.67 7.82
CA LYS C 43 5.74 -21.10 9.05
C LYS C 43 4.76 -21.63 10.09
N ILE C 44 3.70 -20.90 10.36
CA ILE C 44 2.70 -21.33 11.33
C ILE C 44 2.12 -22.68 10.95
N PHE C 45 1.83 -22.85 9.66
CA PHE C 45 1.26 -24.09 9.17
C PHE C 45 2.20 -25.26 9.33
N SER C 46 3.50 -24.99 9.24
CA SER C 46 4.50 -26.06 9.35
C SER C 46 5.21 -26.09 10.70
N ASN C 47 4.71 -25.35 11.68
CA ASN C 47 5.41 -25.35 12.97
C ASN C 47 4.53 -25.01 14.15
N LYS C 48 5.07 -25.30 15.33
CA LYS C 48 4.40 -25.04 16.58
C LYS C 48 5.20 -23.96 17.29
N TYR C 49 4.52 -22.95 17.82
CA TYR C 49 5.23 -21.88 18.49
C TYR C 49 4.73 -21.57 19.89
N ASP C 50 5.63 -21.05 20.72
CA ASP C 50 5.28 -20.71 22.09
C ASP C 50 4.86 -19.26 22.15
N LEU C 51 5.44 -18.45 21.28
CA LEU C 51 5.14 -17.04 21.23
C LEU C 51 5.39 -16.51 19.83
N ILE C 52 4.52 -15.62 19.36
CA ILE C 52 4.66 -15.03 18.02
C ILE C 52 4.70 -13.49 18.06
N PHE C 53 5.70 -12.90 17.43
CA PHE C 53 5.83 -11.46 17.36
C PHE C 53 5.27 -11.00 16.02
N LEU C 54 4.43 -9.98 16.04
CA LEU C 54 3.80 -9.51 14.83
C LEU C 54 3.84 -8.00 14.56
N GLU C 55 4.36 -7.63 13.39
CA GLU C 55 4.42 -6.23 12.99
C GLU C 55 3.03 -5.82 12.44
N ILE C 56 2.68 -4.55 12.56
CA ILE C 56 1.39 -4.08 12.06
C ILE C 56 1.47 -3.84 10.56
N ILE C 57 2.59 -3.28 10.12
CA ILE C 57 2.79 -2.97 8.71
C ILE C 57 3.52 -4.08 8.00
N LEU C 58 2.83 -4.73 7.06
CA LEU C 58 3.39 -5.84 6.28
C LEU C 58 3.17 -5.57 4.79
N SER C 59 4.12 -5.98 3.96
CA SER C 59 4.02 -5.76 2.52
C SER C 59 2.72 -6.25 1.90
N ASP C 60 2.18 -7.36 2.39
CA ASP C 60 0.96 -7.94 1.84
C ASP C 60 -0.28 -7.98 2.75
N GLY C 61 -0.35 -7.08 3.71
CA GLY C 61 -1.51 -7.06 4.60
C GLY C 61 -1.20 -6.34 5.90
N ASP C 62 -2.08 -6.51 6.88
CA ASP C 62 -1.88 -5.89 8.18
C ASP C 62 -2.02 -6.90 9.30
N GLY C 63 -1.21 -6.73 10.33
CA GLY C 63 -1.24 -7.63 11.47
C GLY C 63 -2.61 -7.83 12.10
N TRP C 64 -3.46 -6.82 12.08
CA TRP C 64 -4.78 -6.96 12.67
C TRP C 64 -5.47 -8.17 12.07
N THR C 65 -5.49 -8.20 10.74
CA THR C 65 -6.10 -9.30 9.99
C THR C 65 -5.35 -10.62 10.14
N LEU C 66 -4.04 -10.58 9.89
CA LEU C 66 -3.20 -11.78 10.00
C LEU C 66 -3.30 -12.38 11.39
N CYS C 67 -3.44 -11.53 12.40
CA CYS C 67 -3.57 -11.98 13.77
C CYS C 67 -4.89 -12.73 13.94
N LYS C 68 -5.97 -12.19 13.37
CA LYS C 68 -7.27 -12.85 13.47
C LYS C 68 -7.14 -14.25 12.87
N LYS C 69 -6.52 -14.33 11.70
CA LYS C 69 -6.32 -15.62 11.06
C LYS C 69 -5.46 -16.50 11.97
N ILE C 70 -4.34 -15.97 12.44
CA ILE C 70 -3.50 -16.78 13.31
C ILE C 70 -4.27 -17.34 14.49
N ARG C 71 -5.24 -16.59 15.01
CA ARG C 71 -6.01 -17.08 16.15
C ARG C 71 -6.79 -18.37 15.88
N ASN C 72 -7.41 -18.53 14.70
CA ASN C 72 -8.15 -19.75 14.39
C ASN C 72 -7.23 -20.94 14.61
N VAL C 73 -6.03 -20.80 14.07
CA VAL C 73 -4.99 -21.80 14.11
C VAL C 73 -4.34 -22.06 15.47
N THR C 74 -4.12 -21.01 16.25
CA THR C 74 -3.48 -21.21 17.54
C THR C 74 -3.84 -20.19 18.59
N THR C 75 -3.63 -20.56 19.85
CA THR C 75 -3.92 -19.68 20.98
C THR C 75 -2.66 -19.10 21.61
N CYS C 76 -1.49 -19.47 21.11
CA CYS C 76 -0.25 -18.94 21.67
C CYS C 76 -0.27 -17.42 21.71
N PRO C 77 0.43 -16.81 22.69
CA PRO C 77 0.50 -15.36 22.86
C PRO C 77 0.96 -14.66 21.60
N ILE C 78 0.26 -13.60 21.23
CA ILE C 78 0.65 -12.83 20.06
C ILE C 78 1.04 -11.43 20.52
N VAL C 79 2.31 -11.08 20.32
CA VAL C 79 2.81 -9.77 20.72
C VAL C 79 3.17 -8.91 19.51
N TYR C 80 2.55 -7.74 19.41
CA TYR C 80 2.83 -6.83 18.30
C TYR C 80 4.05 -5.94 18.56
N THR C 82 5.68 -2.57 16.65
CA THR C 82 5.52 -1.58 15.59
C THR C 82 5.85 -0.14 16.02
N TYR C 83 6.06 0.72 15.03
CA TYR C 83 6.34 2.13 15.26
C TYR C 83 5.01 2.87 15.41
N ILE C 84 3.95 2.34 14.81
CA ILE C 84 2.63 2.97 14.91
C ILE C 84 2.22 3.08 16.37
N ASN C 85 1.94 4.29 16.82
CA ASN C 85 1.55 4.48 18.22
C ASN C 85 0.14 5.05 18.43
N GLU C 86 -0.77 4.77 17.49
CA GLU C 86 -2.16 5.23 17.57
C GLU C 86 -2.91 4.41 18.61
N ASP C 87 -3.82 5.05 19.34
CA ASP C 87 -4.62 4.33 20.33
C ASP C 87 -5.53 3.36 19.59
N GLN C 88 -6.12 3.83 18.49
CA GLN C 88 -7.01 3.00 17.69
C GLN C 88 -6.28 1.79 17.13
N SER C 89 -5.00 1.99 16.78
CA SER C 89 -4.21 0.90 16.27
C SER C 89 -4.11 -0.16 17.37
N ILE C 90 -3.71 0.29 18.56
CA ILE C 90 -3.55 -0.59 19.72
C ILE C 90 -4.85 -1.27 20.15
N LEU C 91 -5.91 -0.47 20.32
CA LEU C 91 -7.19 -1.05 20.72
C LEU C 91 -7.53 -2.15 19.74
N ASN C 92 -7.46 -1.82 18.46
CA ASN C 92 -7.75 -2.75 17.39
C ASN C 92 -6.96 -4.05 17.53
N ALA C 93 -5.63 -3.95 17.44
CA ALA C 93 -4.73 -5.08 17.56
C ALA C 93 -5.06 -5.97 18.74
N LEU C 94 -5.14 -5.39 19.92
CA LEU C 94 -5.45 -6.16 21.11
C LEU C 94 -6.77 -6.88 21.00
N ASN C 95 -7.79 -6.19 20.51
CA ASN C 95 -9.11 -6.80 20.38
C ASN C 95 -9.17 -7.96 19.39
N SER C 96 -8.25 -7.98 18.43
CA SER C 96 -8.21 -9.04 17.43
C SER C 96 -7.62 -10.32 17.99
N GLY C 97 -7.07 -10.25 19.20
CA GLY C 97 -6.47 -11.42 19.82
C GLY C 97 -5.03 -11.20 20.22
N GLY C 98 -4.62 -9.94 20.30
CA GLY C 98 -3.25 -9.62 20.70
C GLY C 98 -3.08 -9.62 22.20
N ASP C 99 -1.88 -9.98 22.65
CA ASP C 99 -1.59 -10.04 24.07
C ASP C 99 -0.76 -8.87 24.57
N ASP C 100 -0.16 -8.15 23.64
CA ASP C 100 0.63 -6.98 23.97
C ASP C 100 1.06 -6.29 22.69
N TYR C 101 1.40 -5.02 22.83
CA TYR C 101 1.78 -4.14 21.73
C TYR C 101 3.02 -3.37 22.22
N LEU C 102 4.14 -3.52 21.53
CA LEU C 102 5.35 -2.82 21.93
C LEU C 102 5.75 -1.85 20.81
N ILE C 103 6.11 -0.62 21.19
CA ILE C 103 6.51 0.40 20.21
C ILE C 103 8.00 0.33 19.92
N LYS C 104 8.36 0.52 18.66
CA LYS C 104 9.75 0.47 18.23
C LYS C 104 10.39 1.85 18.27
N PRO C 105 11.74 1.91 18.33
CA PRO C 105 12.67 0.78 18.37
C PRO C 105 12.52 -0.01 19.67
N LEU C 106 12.70 -1.32 19.58
CA LEU C 106 12.54 -2.21 20.73
C LEU C 106 13.74 -2.34 21.66
N ASN C 107 13.46 -2.34 22.95
CA ASN C 107 14.48 -2.52 23.97
C ASN C 107 14.52 -4.04 24.21
N LEU C 108 15.55 -4.70 23.68
CA LEU C 108 15.66 -6.15 23.81
C LEU C 108 15.54 -6.68 25.23
N GLU C 109 16.19 -6.04 26.19
CA GLU C 109 16.12 -6.52 27.56
C GLU C 109 14.70 -6.43 28.10
N ILE C 110 14.01 -5.34 27.82
CA ILE C 110 12.64 -5.21 28.31
C ILE C 110 11.78 -6.23 27.56
N LEU C 111 11.96 -6.33 26.25
CA LEU C 111 11.20 -7.30 25.45
C LEU C 111 11.36 -8.71 26.02
N TYR C 112 12.62 -9.12 26.19
CA TYR C 112 12.93 -10.44 26.73
C TYR C 112 12.29 -10.63 28.10
N ALA C 113 12.35 -9.60 28.94
CA ALA C 113 11.78 -9.66 30.27
C ALA C 113 10.28 -9.99 30.21
N LYS C 114 9.60 -9.44 29.19
CA LYS C 114 8.17 -9.69 29.02
C LYS C 114 7.92 -11.07 28.44
N VAL C 115 8.88 -11.56 27.67
CA VAL C 115 8.76 -12.90 27.09
C VAL C 115 8.74 -13.83 28.29
N LYS C 116 9.74 -13.70 29.16
CA LYS C 116 9.83 -14.50 30.37
C LYS C 116 8.51 -14.42 31.13
N ALA C 117 8.01 -13.20 31.31
CA ALA C 117 6.76 -12.98 32.03
C ALA C 117 5.60 -13.77 31.42
N ILE C 118 5.48 -13.71 30.09
CA ILE C 118 4.41 -14.40 29.39
C ILE C 118 4.57 -15.91 29.50
N LEU C 119 5.80 -16.39 29.31
CA LEU C 119 6.06 -17.81 29.40
C LEU C 119 5.81 -18.36 30.80
N ARG C 120 6.07 -17.55 31.82
CA ARG C 120 5.84 -17.96 33.21
C ARG C 120 4.39 -18.39 33.35
N ARG C 121 3.47 -17.46 33.09
CA ARG C 121 2.06 -17.75 33.21
C ARG C 121 1.60 -18.80 32.19
N ASN C 123 2.85 -22.05 31.22
CA ASN C 123 2.69 -23.39 31.80
C ASN C 123 2.95 -23.31 33.29
N SER C 124 4.10 -22.75 33.65
CA SER C 124 4.48 -22.62 35.04
C SER C 124 3.70 -21.46 35.67
N GLN D 4 -18.86 -11.97 38.12
CA GLN D 4 -18.14 -10.67 38.17
C GLN D 4 -16.67 -10.89 38.49
N THR D 5 -15.86 -9.86 38.25
CA THR D 5 -14.41 -9.92 38.53
C THR D 5 -13.96 -8.82 39.48
N LYS D 6 -13.01 -9.16 40.35
CA LYS D 6 -12.48 -8.21 41.33
C LYS D 6 -11.07 -7.76 41.00
N ILE D 7 -10.91 -6.45 40.83
CA ILE D 7 -9.62 -5.84 40.54
C ILE D 7 -9.21 -4.97 41.74
N LEU D 8 -7.95 -5.10 42.16
CA LEU D 8 -7.42 -4.32 43.28
C LEU D 8 -6.53 -3.20 42.75
N ILE D 9 -6.83 -1.96 43.15
CA ILE D 9 -6.06 -0.80 42.71
C ILE D 9 -5.21 -0.13 43.83
N ILE D 10 -3.94 -0.49 43.90
CA ILE D 10 -3.01 0.04 44.90
C ILE D 10 -2.36 1.35 44.40
N ASP D 11 -2.76 2.50 44.94
CA ASP D 11 -2.16 3.74 44.46
C ASP D 11 -1.88 4.82 45.49
N GLY D 12 -2.93 5.48 46.01
CA GLY D 12 -2.70 6.54 46.97
C GLY D 12 -3.28 7.86 46.49
N ASP D 13 -3.19 8.09 45.19
CA ASP D 13 -3.74 9.31 44.59
C ASP D 13 -5.21 9.03 44.34
N LYS D 14 -6.05 9.35 45.34
CA LYS D 14 -7.48 9.12 45.24
C LYS D 14 -8.12 9.77 44.01
N ASP D 15 -7.37 10.59 43.29
CA ASP D 15 -7.90 11.24 42.10
C ASP D 15 -7.79 10.24 40.94
N ASN D 16 -6.76 9.39 41.04
CA ASN D 16 -6.50 8.35 40.05
C ASN D 16 -7.40 7.17 40.44
N CYS D 17 -7.35 6.81 41.71
CA CYS D 17 -8.14 5.70 42.22
C CYS D 17 -9.61 5.84 41.90
N GLN D 18 -10.16 7.04 42.08
CA GLN D 18 -11.57 7.27 41.83
C GLN D 18 -11.96 7.25 40.36
N LYS D 19 -10.98 7.46 39.48
CA LYS D 19 -11.23 7.46 38.04
C LYS D 19 -11.22 6.02 37.52
N LEU D 20 -10.25 5.24 37.97
CA LEU D 20 -10.15 3.84 37.58
C LEU D 20 -11.26 3.06 38.25
N LYS D 21 -11.58 3.44 39.48
CA LYS D 21 -12.65 2.77 40.21
C LYS D 21 -13.95 3.01 39.48
N GLY D 22 -14.13 4.23 38.99
CA GLY D 22 -15.35 4.57 38.27
C GLY D 22 -15.43 3.97 36.88
N PHE D 23 -14.30 3.95 36.18
CA PHE D 23 -14.26 3.41 34.82
C PHE D 23 -14.49 1.90 34.79
N LEU D 24 -13.55 1.14 35.35
CA LEU D 24 -13.67 -0.32 35.37
C LEU D 24 -14.96 -0.77 36.05
N GLU D 25 -15.46 0.05 36.97
CA GLU D 25 -16.69 -0.30 37.69
C GLU D 25 -17.86 -0.34 36.71
N GLU D 26 -18.07 0.76 35.99
CA GLU D 26 -19.15 0.85 35.03
C GLU D 26 -18.93 -0.12 33.85
N LYS D 27 -17.81 -0.84 33.89
CA LYS D 27 -17.49 -1.83 32.87
C LYS D 27 -17.87 -3.18 33.47
N GLY D 28 -18.53 -3.13 34.62
CA GLY D 28 -18.97 -4.34 35.30
C GLY D 28 -17.92 -5.02 36.15
N ILE D 29 -16.97 -4.25 36.66
CA ILE D 29 -15.92 -4.83 37.50
C ILE D 29 -15.98 -4.27 38.92
N SER D 30 -15.98 -5.17 39.90
CA SER D 30 -15.98 -4.71 41.29
C SER D 30 -14.52 -4.37 41.53
N ILE D 31 -14.26 -3.25 42.19
CA ILE D 31 -12.90 -2.79 42.44
C ILE D 31 -12.59 -2.38 43.88
N ASP D 32 -11.55 -2.97 44.45
CA ASP D 32 -11.13 -2.63 45.81
C ASP D 32 -9.96 -1.66 45.65
N LEU D 33 -9.68 -0.86 46.67
CA LEU D 33 -8.58 0.08 46.57
C LEU D 33 -7.72 0.27 47.82
N ALA D 34 -6.43 -0.03 47.71
CA ALA D 34 -5.50 0.14 48.81
C ALA D 34 -4.84 1.51 48.53
N TYR D 35 -4.37 2.20 49.58
CA TYR D 35 -3.75 3.50 49.38
C TYR D 35 -2.27 3.51 49.75
N ASN D 36 -1.79 2.41 50.33
CA ASN D 36 -0.39 2.29 50.72
C ASN D 36 -0.05 0.81 50.80
N CYS D 37 1.18 0.49 51.16
CA CYS D 37 1.59 -0.90 51.26
C CYS D 37 0.83 -1.72 52.28
N GLU D 38 0.53 -1.15 53.44
CA GLU D 38 -0.22 -1.89 54.47
C GLU D 38 -1.55 -2.37 53.90
N GLU D 39 -2.42 -1.40 53.59
CA GLU D 39 -3.74 -1.68 53.05
C GLU D 39 -3.68 -2.74 51.96
N ALA D 40 -2.60 -2.74 51.19
CA ALA D 40 -2.41 -3.71 50.12
C ALA D 40 -2.18 -5.10 50.72
N ILE D 41 -1.16 -5.24 51.56
CA ILE D 41 -0.87 -6.52 52.20
C ILE D 41 -2.19 -6.98 52.79
N GLY D 42 -2.95 -6.01 53.30
CA GLY D 42 -4.24 -6.30 53.89
C GLY D 42 -5.15 -6.93 52.86
N LYS D 43 -5.77 -6.10 52.03
CA LYS D 43 -6.70 -6.56 51.00
C LYS D 43 -6.32 -7.87 50.31
N ILE D 44 -5.03 -8.14 50.18
CA ILE D 44 -4.55 -9.37 49.54
C ILE D 44 -4.92 -10.63 50.33
N PHE D 45 -4.62 -10.63 51.62
CA PHE D 45 -4.93 -11.78 52.48
C PHE D 45 -6.43 -12.06 52.50
N SER D 46 -7.21 -10.99 52.52
CA SER D 46 -8.67 -11.10 52.57
C SER D 46 -9.31 -11.52 51.25
N ASN D 47 -9.33 -10.61 50.29
CA ASN D 47 -9.94 -10.89 49.00
C ASN D 47 -8.98 -11.51 48.01
N LYS D 48 -9.55 -12.14 46.99
CA LYS D 48 -8.78 -12.75 45.92
C LYS D 48 -9.13 -11.92 44.70
N TYR D 49 -8.11 -11.43 44.00
CA TYR D 49 -8.34 -10.60 42.83
C TYR D 49 -7.94 -11.26 41.52
N ASP D 50 -8.50 -10.74 40.44
CA ASP D 50 -8.22 -11.23 39.09
C ASP D 50 -7.16 -10.37 38.40
N LEU D 51 -6.84 -9.24 39.03
CA LEU D 51 -5.85 -8.32 38.47
C LEU D 51 -5.54 -7.26 39.51
N ILE D 52 -4.27 -6.89 39.59
CA ILE D 52 -3.84 -5.87 40.54
C ILE D 52 -3.06 -4.73 39.87
N PHE D 53 -3.51 -3.50 40.07
CA PHE D 53 -2.82 -2.34 39.52
C PHE D 53 -1.91 -1.81 40.63
N LEU D 54 -0.61 -1.90 40.40
CA LEU D 54 0.39 -1.49 41.39
C LEU D 54 1.23 -0.25 41.00
N GLU D 55 1.42 0.65 41.95
CA GLU D 55 2.21 1.86 41.73
C GLU D 55 3.63 1.59 42.24
N ILE D 56 4.58 2.43 41.87
CA ILE D 56 5.96 2.25 42.29
C ILE D 56 6.19 3.02 43.58
N ILE D 57 5.76 4.27 43.58
CA ILE D 57 5.92 5.12 44.76
C ILE D 57 4.73 5.03 45.72
N LEU D 58 5.02 4.47 46.90
CA LEU D 58 4.04 4.30 47.97
C LEU D 58 4.65 4.69 49.31
N SER D 59 3.81 5.26 50.17
CA SER D 59 4.19 5.71 51.51
C SER D 59 5.07 4.74 52.30
N ASP D 60 4.59 3.52 52.54
CA ASP D 60 5.35 2.53 53.29
C ASP D 60 6.66 2.21 52.58
N GLY D 61 6.68 1.09 51.87
CA GLY D 61 7.85 0.68 51.12
C GLY D 61 7.79 1.12 49.67
N ASP D 62 8.31 0.27 48.78
CA ASP D 62 8.35 0.56 47.35
C ASP D 62 7.52 -0.43 46.54
N GLY D 63 6.92 0.06 45.46
CA GLY D 63 6.12 -0.80 44.60
C GLY D 63 6.84 -2.03 44.12
N TRP D 64 8.15 -1.94 43.89
CA TRP D 64 8.92 -3.09 43.42
C TRP D 64 8.99 -4.18 44.48
N THR D 65 9.12 -3.79 45.74
CA THR D 65 9.18 -4.76 46.82
C THR D 65 7.79 -5.26 47.22
N LEU D 66 6.78 -4.40 47.13
CA LEU D 66 5.42 -4.81 47.45
C LEU D 66 5.03 -5.89 46.45
N CYS D 67 5.44 -5.70 45.21
CA CYS D 67 5.15 -6.66 44.16
C CYS D 67 5.76 -8.01 44.53
N LYS D 68 7.04 -8.01 44.89
CA LYS D 68 7.72 -9.23 45.27
C LYS D 68 6.99 -9.84 46.45
N LYS D 69 6.45 -8.96 47.30
CA LYS D 69 5.69 -9.40 48.47
C LYS D 69 4.46 -10.12 47.92
N ILE D 70 3.54 -9.36 47.34
CA ILE D 70 2.33 -9.92 46.75
C ILE D 70 2.60 -11.21 45.98
N ARG D 71 3.77 -11.29 45.34
CA ARG D 71 4.12 -12.46 44.56
C ARG D 71 4.22 -13.75 45.36
N ASN D 72 4.24 -13.63 46.68
CA ASN D 72 4.33 -14.83 47.52
C ASN D 72 2.94 -15.29 47.99
N VAL D 73 1.97 -14.40 47.94
CA VAL D 73 0.62 -14.74 48.38
C VAL D 73 -0.36 -14.92 47.22
N THR D 74 0.10 -14.68 46.00
CA THR D 74 -0.74 -14.81 44.81
C THR D 74 0.01 -14.61 43.49
N THR D 75 -0.34 -15.40 42.48
CA THR D 75 0.29 -15.29 41.17
C THR D 75 -0.65 -14.52 40.27
N CYS D 76 -1.47 -13.67 40.88
CA CYS D 76 -2.41 -12.83 40.16
C CYS D 76 -1.59 -11.87 39.30
N PRO D 77 -2.11 -11.53 38.11
CA PRO D 77 -1.39 -10.61 37.23
C PRO D 77 -1.33 -9.19 37.80
N ILE D 78 -0.11 -8.66 37.92
CA ILE D 78 0.14 -7.33 38.45
C ILE D 78 0.51 -6.37 37.33
N VAL D 79 -0.18 -5.23 37.25
CA VAL D 79 0.12 -4.23 36.25
C VAL D 79 0.50 -2.89 36.90
N TYR D 80 1.72 -2.44 36.68
CA TYR D 80 2.19 -1.18 37.26
C TYR D 80 1.63 0.09 36.64
N THR D 82 2.40 4.29 36.68
CA THR D 82 3.44 5.22 37.09
C THR D 82 3.78 6.31 36.08
N TYR D 83 4.59 7.26 36.53
CA TYR D 83 5.04 8.36 35.69
C TYR D 83 6.46 8.07 35.20
N ILE D 84 7.18 7.28 35.98
CA ILE D 84 8.55 6.89 35.68
C ILE D 84 8.57 6.10 34.38
N ASN D 85 9.18 6.68 33.35
CA ASN D 85 9.23 6.00 32.07
C ASN D 85 10.68 5.71 31.69
N GLU D 86 11.40 5.02 32.58
CA GLU D 86 12.79 4.65 32.35
C GLU D 86 12.90 3.13 32.23
N ASP D 87 13.84 2.65 31.42
CA ASP D 87 13.99 1.23 31.23
C ASP D 87 14.37 0.44 32.46
N GLN D 88 15.39 0.85 33.20
CA GLN D 88 15.78 0.10 34.39
C GLN D 88 14.63 -0.05 35.37
N SER D 89 13.72 0.92 35.36
CA SER D 89 12.54 0.89 36.22
C SER D 89 11.60 -0.22 35.72
N ILE D 90 11.29 -0.18 34.43
CA ILE D 90 10.44 -1.19 33.82
C ILE D 90 11.10 -2.57 33.95
N LEU D 91 12.42 -2.62 33.76
CA LEU D 91 13.13 -3.88 33.89
C LEU D 91 13.04 -4.40 35.34
N ASN D 92 12.84 -3.48 36.29
CA ASN D 92 12.71 -3.84 37.70
C ASN D 92 11.33 -4.45 37.93
N ALA D 93 10.31 -3.67 37.61
CA ALA D 93 8.94 -4.11 37.74
C ALA D 93 8.78 -5.51 37.17
N LEU D 94 9.31 -5.73 35.96
CA LEU D 94 9.21 -7.05 35.32
C LEU D 94 10.00 -8.14 36.01
N ASN D 95 11.26 -7.86 36.34
CA ASN D 95 12.10 -8.84 37.03
C ASN D 95 11.75 -8.92 38.50
N SER D 96 10.68 -8.24 38.87
CA SER D 96 10.22 -8.25 40.25
C SER D 96 9.04 -9.20 40.36
N GLY D 97 8.40 -9.49 39.22
CA GLY D 97 7.26 -10.38 39.18
C GLY D 97 6.05 -9.78 38.49
N GLY D 98 6.19 -8.55 38.01
CA GLY D 98 5.07 -7.88 37.36
C GLY D 98 4.82 -8.39 35.95
N ASP D 99 3.65 -8.05 35.40
CA ASP D 99 3.27 -8.48 34.06
C ASP D 99 3.26 -7.34 33.03
N ASP D 100 2.85 -6.15 33.45
CA ASP D 100 2.86 -5.00 32.56
C ASP D 100 3.20 -3.70 33.31
N TYR D 101 3.34 -2.62 32.54
CA TYR D 101 3.72 -1.33 33.09
C TYR D 101 3.00 -0.23 32.30
N LEU D 102 2.22 0.59 32.99
CA LEU D 102 1.50 1.65 32.32
C LEU D 102 1.98 3.03 32.76
N ILE D 103 2.10 3.93 31.78
CA ILE D 103 2.55 5.29 32.05
C ILE D 103 1.36 6.23 32.18
N LYS D 104 1.39 7.04 33.23
CA LYS D 104 0.33 7.99 33.51
C LYS D 104 0.48 9.23 32.64
N PRO D 105 -0.63 9.95 32.39
CA PRO D 105 -1.96 9.61 32.90
C PRO D 105 -2.53 8.41 32.16
N LEU D 106 -2.99 7.42 32.91
CA LEU D 106 -3.56 6.20 32.34
C LEU D 106 -4.64 6.45 31.29
N ASN D 107 -4.42 5.87 30.11
CA ASN D 107 -5.32 5.96 28.98
C ASN D 107 -6.33 4.81 29.11
N LEU D 108 -7.38 5.05 29.88
CA LEU D 108 -8.44 4.07 30.18
C LEU D 108 -8.87 3.08 29.09
N GLU D 109 -9.33 3.60 27.95
CA GLU D 109 -9.77 2.74 26.86
C GLU D 109 -8.65 1.77 26.48
N ILE D 110 -7.40 2.23 26.56
CA ILE D 110 -6.25 1.38 26.25
C ILE D 110 -5.95 0.47 27.44
N LEU D 111 -6.14 0.98 28.65
CA LEU D 111 -5.90 0.17 29.84
C LEU D 111 -6.92 -0.96 29.86
N TYR D 112 -8.18 -0.61 29.59
CA TYR D 112 -9.23 -1.61 29.60
C TYR D 112 -8.96 -2.72 28.58
N ALA D 113 -8.56 -2.35 27.37
CA ALA D 113 -8.24 -3.33 26.32
C ALA D 113 -7.25 -4.31 26.88
N LYS D 114 -6.22 -3.78 27.52
CA LYS D 114 -5.17 -4.58 28.15
C LYS D 114 -5.79 -5.54 29.16
N VAL D 115 -6.77 -5.04 29.91
CA VAL D 115 -7.44 -5.84 30.93
C VAL D 115 -8.26 -6.97 30.31
N LYS D 116 -8.94 -6.69 29.20
CA LYS D 116 -9.74 -7.69 28.50
C LYS D 116 -8.76 -8.79 28.07
N ALA D 117 -7.76 -8.36 27.32
CA ALA D 117 -6.72 -9.24 26.79
C ALA D 117 -6.12 -10.15 27.86
N ILE D 118 -5.77 -9.57 29.00
CA ILE D 118 -5.16 -10.35 30.08
C ILE D 118 -6.16 -11.34 30.69
N LEU D 119 -7.37 -10.87 30.98
CA LEU D 119 -8.39 -11.74 31.55
C LEU D 119 -8.70 -12.83 30.55
N ARG D 120 -8.89 -12.42 29.29
CA ARG D 120 -9.17 -13.33 28.19
C ARG D 120 -8.14 -14.45 28.19
N ARG D 121 -6.87 -14.05 28.24
CA ARG D 121 -5.75 -14.98 28.24
C ARG D 121 -5.85 -15.95 29.40
N ASN D 123 -8.26 -16.85 31.18
CA ASN D 123 -9.37 -17.77 30.99
C ASN D 123 -9.08 -18.66 29.78
N SER D 124 -9.63 -18.26 28.63
CA SER D 124 -9.50 -18.97 27.36
C SER D 124 -8.16 -19.71 27.17
N GLN E 4 -0.68 -33.86 -16.67
CA GLN E 4 0.40 -32.84 -16.86
C GLN E 4 0.13 -31.96 -18.07
N THR E 5 0.61 -30.71 -18.01
CA THR E 5 0.41 -29.77 -19.10
C THR E 5 1.35 -30.08 -20.25
N LYS E 6 0.77 -30.38 -21.40
CA LYS E 6 1.54 -30.68 -22.59
C LYS E 6 1.31 -29.49 -23.55
N ILE E 7 2.39 -28.87 -23.99
CA ILE E 7 2.29 -27.73 -24.90
C ILE E 7 3.16 -27.85 -26.15
N LEU E 8 2.57 -27.51 -27.27
CA LEU E 8 3.28 -27.56 -28.54
C LEU E 8 3.76 -26.17 -28.97
N ILE E 9 5.00 -26.09 -29.45
CA ILE E 9 5.52 -24.81 -29.93
C ILE E 9 5.89 -24.96 -31.41
N ILE E 10 5.16 -24.25 -32.27
CA ILE E 10 5.39 -24.28 -33.72
C ILE E 10 6.16 -23.02 -34.14
N ASP E 11 7.47 -23.16 -34.33
CA ASP E 11 8.30 -22.03 -34.71
C ASP E 11 9.60 -22.43 -35.38
N GLY E 12 9.89 -21.82 -36.52
CA GLY E 12 11.11 -22.13 -37.23
C GLY E 12 12.36 -21.57 -36.56
N ASP E 13 12.15 -20.71 -35.55
CA ASP E 13 13.26 -20.13 -34.83
C ASP E 13 13.66 -21.07 -33.70
N LYS E 14 14.64 -21.91 -33.96
CA LYS E 14 15.08 -22.88 -32.96
C LYS E 14 15.60 -22.24 -31.69
N ASP E 15 16.24 -21.08 -31.80
CA ASP E 15 16.71 -20.41 -30.61
C ASP E 15 15.53 -20.05 -29.74
N ASN E 16 14.46 -19.59 -30.38
CA ASN E 16 13.24 -19.24 -29.65
C ASN E 16 12.64 -20.50 -29.04
N CYS E 17 12.57 -21.56 -29.83
CA CYS E 17 12.02 -22.84 -29.38
C CYS E 17 12.76 -23.30 -28.14
N GLN E 18 14.08 -23.32 -28.22
CA GLN E 18 14.88 -23.78 -27.11
C GLN E 18 14.66 -22.91 -25.87
N LYS E 19 14.83 -21.60 -26.01
CA LYS E 19 14.65 -20.68 -24.90
C LYS E 19 13.28 -20.93 -24.27
N LEU E 20 12.25 -21.07 -25.12
CA LEU E 20 10.88 -21.34 -24.68
C LEU E 20 10.76 -22.71 -24.01
N LYS E 21 11.18 -23.75 -24.74
CA LYS E 21 11.13 -25.11 -24.24
C LYS E 21 11.70 -25.17 -22.83
N GLY E 22 12.93 -24.71 -22.66
CA GLY E 22 13.55 -24.75 -21.34
C GLY E 22 12.75 -24.04 -20.25
N PHE E 23 12.26 -22.83 -20.54
CA PHE E 23 11.52 -22.06 -19.55
C PHE E 23 10.26 -22.76 -19.05
N LEU E 24 9.38 -23.13 -19.96
CA LEU E 24 8.14 -23.80 -19.58
C LEU E 24 8.41 -25.19 -19.03
N GLU E 25 9.53 -25.78 -19.46
CA GLU E 25 9.92 -27.11 -19.02
C GLU E 25 10.30 -27.09 -17.54
N GLU E 26 10.98 -26.01 -17.13
CA GLU E 26 11.38 -25.87 -15.74
C GLU E 26 10.14 -25.52 -14.89
N LYS E 27 9.02 -25.20 -15.54
CA LYS E 27 7.78 -24.91 -14.83
C LYS E 27 6.95 -26.19 -14.74
N GLY E 28 7.59 -27.31 -15.07
CA GLY E 28 6.92 -28.60 -15.01
C GLY E 28 6.05 -28.97 -16.20
N ILE E 29 6.08 -28.19 -17.27
CA ILE E 29 5.27 -28.47 -18.45
C ILE E 29 6.01 -29.32 -19.48
N SER E 30 5.31 -30.30 -20.05
CA SER E 30 5.86 -31.18 -21.07
C SER E 30 5.79 -30.38 -22.37
N ILE E 31 6.87 -30.38 -23.13
CA ILE E 31 6.96 -29.62 -24.37
C ILE E 31 7.43 -30.33 -25.63
N ASP E 32 6.62 -30.24 -26.68
CA ASP E 32 6.97 -30.81 -27.98
C ASP E 32 7.24 -29.64 -28.92
N LEU E 33 8.10 -29.84 -29.89
CA LEU E 33 8.43 -28.78 -30.83
C LEU E 33 8.18 -29.15 -32.28
N ALA E 34 7.83 -28.15 -33.07
CA ALA E 34 7.58 -28.33 -34.49
C ALA E 34 8.29 -27.13 -35.09
N TYR E 35 8.86 -27.29 -36.28
CA TYR E 35 9.57 -26.20 -36.94
C TYR E 35 8.87 -25.63 -38.16
N ASN E 36 7.83 -26.31 -38.61
CA ASN E 36 7.07 -25.85 -39.76
C ASN E 36 5.70 -26.49 -39.77
N CYS E 37 4.87 -26.11 -40.73
CA CYS E 37 3.53 -26.67 -40.83
C CYS E 37 3.56 -28.19 -40.92
N GLU E 38 4.34 -28.74 -41.84
CA GLU E 38 4.41 -30.19 -41.97
C GLU E 38 4.57 -30.82 -40.59
N GLU E 39 5.67 -30.48 -39.93
CA GLU E 39 5.98 -30.99 -38.61
C GLU E 39 4.88 -30.81 -37.55
N ALA E 40 4.17 -29.67 -37.62
CA ALA E 40 3.09 -29.38 -36.68
C ALA E 40 1.93 -30.34 -36.93
N ILE E 41 1.43 -30.32 -38.17
CA ILE E 41 0.34 -31.17 -38.58
C ILE E 41 0.58 -32.61 -38.15
N GLY E 42 1.86 -32.99 -38.10
CA GLY E 42 2.23 -34.32 -37.68
C GLY E 42 2.10 -34.47 -36.17
N LYS E 43 2.56 -33.44 -35.46
CA LYS E 43 2.49 -33.43 -34.00
C LYS E 43 1.06 -33.40 -33.48
N ILE E 44 0.20 -32.62 -34.13
CA ILE E 44 -1.21 -32.51 -33.74
C ILE E 44 -1.95 -33.85 -33.83
N PHE E 45 -1.58 -34.65 -34.83
CA PHE E 45 -2.20 -35.96 -35.03
C PHE E 45 -1.77 -37.04 -34.06
N SER E 46 -0.54 -36.96 -33.57
CA SER E 46 -0.03 -37.96 -32.65
C SER E 46 -0.39 -37.67 -31.20
N ASN E 47 0.01 -36.50 -30.71
CA ASN E 47 -0.28 -36.14 -29.33
C ASN E 47 -1.51 -35.23 -29.25
N LYS E 48 -1.87 -34.89 -28.01
CA LYS E 48 -2.97 -33.99 -27.73
C LYS E 48 -2.33 -32.90 -26.90
N TYR E 49 -2.67 -31.65 -27.16
CA TYR E 49 -2.05 -30.56 -26.42
C TYR E 49 -3.03 -29.72 -25.64
N ASP E 50 -2.54 -29.07 -24.59
CA ASP E 50 -3.37 -28.22 -23.77
C ASP E 50 -3.34 -26.77 -24.27
N LEU E 51 -2.25 -26.43 -24.94
CA LEU E 51 -2.05 -25.10 -25.47
C LEU E 51 -1.03 -25.22 -26.60
N ILE E 52 -1.20 -24.40 -27.63
CA ILE E 52 -0.30 -24.43 -28.76
C ILE E 52 0.19 -23.01 -29.06
N PHE E 53 1.49 -22.85 -29.22
CA PHE E 53 2.04 -21.55 -29.58
C PHE E 53 2.28 -21.59 -31.08
N LEU E 54 1.81 -20.57 -31.77
CA LEU E 54 1.93 -20.51 -33.22
C LEU E 54 2.57 -19.24 -33.77
N GLU E 55 3.57 -19.41 -34.64
CA GLU E 55 4.20 -18.26 -35.27
C GLU E 55 3.42 -17.99 -36.56
N ILE E 56 3.39 -16.73 -37.00
CA ILE E 56 2.71 -16.37 -38.24
C ILE E 56 3.64 -16.74 -39.39
N ILE E 57 4.92 -16.41 -39.23
CA ILE E 57 5.96 -16.69 -40.21
C ILE E 57 6.49 -18.13 -40.13
N LEU E 58 6.17 -18.94 -41.14
CA LEU E 58 6.62 -20.32 -41.22
C LEU E 58 7.16 -20.55 -42.62
N SER E 59 8.11 -21.47 -42.77
CA SER E 59 8.70 -21.73 -44.09
C SER E 59 7.74 -22.33 -45.10
N ASP E 60 6.89 -23.27 -44.69
CA ASP E 60 5.96 -23.89 -45.62
C ASP E 60 4.51 -23.40 -45.51
N GLY E 61 4.34 -22.13 -45.19
CA GLY E 61 3.01 -21.56 -45.04
C GLY E 61 2.95 -20.47 -44.00
N ASP E 62 1.75 -19.98 -43.71
CA ASP E 62 1.61 -18.95 -42.70
C ASP E 62 0.66 -19.38 -41.60
N GLY E 63 0.81 -18.74 -40.43
CA GLY E 63 0.02 -19.07 -39.26
C GLY E 63 -1.46 -18.81 -39.37
N TRP E 64 -1.85 -17.79 -40.13
CA TRP E 64 -3.27 -17.48 -40.28
C TRP E 64 -3.95 -18.69 -40.91
N THR E 65 -3.27 -19.28 -41.90
CA THR E 65 -3.81 -20.45 -42.58
C THR E 65 -3.71 -21.70 -41.70
N LEU E 66 -2.52 -21.96 -41.17
CA LEU E 66 -2.32 -23.11 -40.31
C LEU E 66 -3.29 -23.10 -39.13
N CYS E 67 -3.58 -21.89 -38.64
CA CYS E 67 -4.49 -21.77 -37.51
C CYS E 67 -5.86 -22.37 -37.80
N LYS E 68 -6.46 -22.01 -38.94
CA LYS E 68 -7.78 -22.52 -39.31
C LYS E 68 -7.85 -24.04 -39.26
N LYS E 69 -6.83 -24.69 -39.82
CA LYS E 69 -6.73 -26.15 -39.85
C LYS E 69 -6.60 -26.74 -38.44
N ILE E 70 -5.61 -26.27 -37.70
CA ILE E 70 -5.41 -26.77 -36.34
C ILE E 70 -6.72 -26.65 -35.55
N ARG E 71 -7.33 -25.47 -35.62
CA ARG E 71 -8.58 -25.19 -34.92
C ARG E 71 -9.70 -26.14 -35.37
N ASN E 72 -9.61 -26.60 -36.62
CA ASN E 72 -10.60 -27.52 -37.16
C ASN E 72 -10.43 -28.95 -36.68
N VAL E 73 -9.28 -29.22 -36.08
CA VAL E 73 -8.95 -30.55 -35.58
C VAL E 73 -8.80 -30.58 -34.06
N THR E 74 -8.78 -29.41 -33.45
CA THR E 74 -8.67 -29.32 -32.00
C THR E 74 -9.26 -28.01 -31.57
N THR E 75 -9.87 -28.00 -30.39
CA THR E 75 -10.45 -26.79 -29.86
C THR E 75 -9.61 -26.32 -28.68
N CYS E 76 -8.33 -26.67 -28.69
CA CYS E 76 -7.44 -26.26 -27.62
C CYS E 76 -6.93 -24.84 -27.89
N PRO E 77 -6.66 -24.07 -26.83
CA PRO E 77 -6.18 -22.70 -27.01
C PRO E 77 -4.92 -22.52 -27.85
N ILE E 78 -4.98 -21.58 -28.79
CA ILE E 78 -3.84 -21.26 -29.64
C ILE E 78 -3.38 -19.83 -29.34
N VAL E 79 -2.07 -19.65 -29.15
CA VAL E 79 -1.49 -18.32 -28.85
C VAL E 79 -0.36 -18.01 -29.82
N TYR E 80 -0.49 -16.89 -30.55
CA TYR E 80 0.54 -16.51 -31.53
C TYR E 80 1.78 -15.82 -30.97
N THR E 82 5.18 -13.67 -32.65
CA THR E 82 5.68 -13.09 -33.89
C THR E 82 6.09 -11.65 -33.69
N TYR E 83 6.91 -11.12 -34.60
CA TYR E 83 7.31 -9.73 -34.49
C TYR E 83 6.28 -8.87 -35.22
N ILE E 84 5.52 -9.48 -36.13
CA ILE E 84 4.50 -8.75 -36.87
C ILE E 84 3.52 -8.09 -35.89
N ASN E 85 3.56 -6.76 -35.85
CA ASN E 85 2.71 -6.01 -34.93
C ASN E 85 1.58 -5.21 -35.57
N GLU E 86 1.14 -5.60 -36.76
CA GLU E 86 0.06 -4.87 -37.41
C GLU E 86 -1.27 -5.36 -36.88
N ASP E 87 -2.27 -4.48 -36.91
CA ASP E 87 -3.59 -4.84 -36.42
C ASP E 87 -4.31 -5.81 -37.33
N GLN E 88 -4.18 -5.67 -38.64
CA GLN E 88 -4.86 -6.60 -39.55
C GLN E 88 -4.39 -8.02 -39.31
N SER E 89 -3.13 -8.16 -38.93
CA SER E 89 -2.57 -9.47 -38.62
C SER E 89 -3.20 -10.02 -37.34
N ILE E 90 -3.16 -9.23 -36.27
CA ILE E 90 -3.73 -9.64 -35.00
C ILE E 90 -5.19 -9.99 -35.24
N LEU E 91 -5.91 -9.04 -35.84
CA LEU E 91 -7.31 -9.23 -36.15
C LEU E 91 -7.60 -10.55 -36.90
N ASN E 92 -6.83 -10.80 -37.95
CA ASN E 92 -7.01 -12.01 -38.74
C ASN E 92 -6.61 -13.26 -37.97
N ALA E 93 -5.53 -13.16 -37.20
CA ALA E 93 -5.05 -14.27 -36.39
C ALA E 93 -6.15 -14.75 -35.45
N LEU E 94 -6.82 -13.80 -34.80
CA LEU E 94 -7.90 -14.14 -33.87
C LEU E 94 -9.13 -14.69 -34.59
N ASN E 95 -9.42 -14.19 -35.78
CA ASN E 95 -10.57 -14.69 -36.52
C ASN E 95 -10.33 -16.11 -37.02
N SER E 96 -9.07 -16.46 -37.25
CA SER E 96 -8.71 -17.79 -37.73
C SER E 96 -8.78 -18.82 -36.61
N GLY E 97 -9.26 -18.39 -35.44
CA GLY E 97 -9.39 -19.30 -34.32
C GLY E 97 -8.46 -19.06 -33.15
N GLY E 98 -7.47 -18.20 -33.30
CA GLY E 98 -6.53 -17.95 -32.21
C GLY E 98 -7.18 -17.40 -30.95
N ASP E 99 -6.43 -17.38 -29.86
CA ASP E 99 -6.95 -16.87 -28.60
C ASP E 99 -6.20 -15.64 -28.09
N ASP E 100 -4.95 -15.51 -28.46
CA ASP E 100 -4.15 -14.36 -28.06
C ASP E 100 -3.03 -14.24 -29.10
N TYR E 101 -2.41 -13.07 -29.14
CA TYR E 101 -1.35 -12.77 -30.09
C TYR E 101 -0.27 -12.00 -29.32
N LEU E 102 0.92 -12.58 -29.16
CA LEU E 102 2.02 -11.92 -28.45
C LEU E 102 3.12 -11.47 -29.38
N ILE E 103 3.62 -10.27 -29.12
CA ILE E 103 4.66 -9.65 -29.95
C ILE E 103 6.06 -9.93 -29.40
N LYS E 104 6.94 -10.45 -30.24
CA LYS E 104 8.32 -10.71 -29.83
C LYS E 104 9.06 -9.36 -29.77
N PRO E 105 10.13 -9.27 -28.97
CA PRO E 105 10.66 -10.35 -28.13
C PRO E 105 9.67 -10.69 -27.04
N LEU E 106 9.62 -11.98 -26.68
CA LEU E 106 8.72 -12.46 -25.65
C LEU E 106 9.21 -12.22 -24.23
N ASN E 107 8.29 -11.77 -23.38
CA ASN E 107 8.62 -11.55 -21.98
C ASN E 107 8.09 -12.84 -21.35
N LEU E 108 9.02 -13.75 -21.07
CA LEU E 108 8.68 -15.05 -20.53
C LEU E 108 7.78 -15.08 -19.30
N GLU E 109 7.98 -14.16 -18.35
CA GLU E 109 7.14 -14.15 -17.17
C GLU E 109 5.71 -13.79 -17.54
N ILE E 110 5.56 -12.83 -18.46
CA ILE E 110 4.23 -12.45 -18.91
C ILE E 110 3.60 -13.65 -19.62
N LEU E 111 4.38 -14.32 -20.47
CA LEU E 111 3.92 -15.49 -21.21
C LEU E 111 3.41 -16.55 -20.28
N TYR E 112 4.16 -16.84 -19.22
CA TYR E 112 3.76 -17.84 -18.26
C TYR E 112 2.52 -17.39 -17.51
N ALA E 113 2.41 -16.10 -17.22
CA ALA E 113 1.25 -15.56 -16.52
C ALA E 113 0.01 -15.85 -17.36
N LYS E 114 0.06 -15.49 -18.65
CA LYS E 114 -1.06 -15.75 -19.56
C LYS E 114 -1.30 -17.25 -19.73
N VAL E 115 -0.27 -18.06 -19.55
CA VAL E 115 -0.41 -19.50 -19.67
C VAL E 115 -1.17 -20.03 -18.45
N LYS E 116 -0.74 -19.61 -17.26
CA LYS E 116 -1.40 -20.01 -16.02
C LYS E 116 -2.85 -19.55 -16.04
N ALA E 117 -3.09 -18.38 -16.64
CA ALA E 117 -4.44 -17.82 -16.75
C ALA E 117 -5.27 -18.72 -17.65
N ILE E 118 -4.75 -19.00 -18.85
CA ILE E 118 -5.45 -19.85 -19.81
C ILE E 118 -5.73 -21.24 -19.23
N LEU E 119 -4.82 -21.76 -18.42
CA LEU E 119 -5.01 -23.08 -17.80
C LEU E 119 -6.00 -22.96 -16.65
N ARG E 120 -5.77 -21.99 -15.77
CA ARG E 120 -6.63 -21.72 -14.62
C ARG E 120 -8.08 -21.73 -15.10
N ARG E 121 -8.30 -21.08 -16.23
CA ARG E 121 -9.62 -20.97 -16.83
C ARG E 121 -10.03 -22.17 -17.67
N ASN E 123 -10.42 -25.02 -16.91
CA ASN E 123 -11.25 -25.95 -16.15
C ASN E 123 -12.01 -25.24 -15.03
N SER E 124 -11.27 -24.82 -14.00
CA SER E 124 -11.87 -24.14 -12.85
C SER E 124 -12.24 -22.68 -13.19
N GLN F 4 -28.56 -14.02 -24.27
CA GLN F 4 -27.81 -12.80 -24.72
C GLN F 4 -26.68 -12.52 -23.73
N THR F 5 -25.45 -12.50 -24.22
CA THR F 5 -24.29 -12.26 -23.35
C THR F 5 -24.35 -10.90 -22.64
N LYS F 6 -23.73 -10.84 -21.47
CA LYS F 6 -23.73 -9.64 -20.64
C LYS F 6 -22.31 -9.27 -20.24
N ILE F 7 -21.89 -8.06 -20.62
CA ILE F 7 -20.55 -7.56 -20.30
C ILE F 7 -20.56 -6.34 -19.38
N LEU F 8 -19.78 -6.41 -18.29
CA LEU F 8 -19.69 -5.30 -17.35
C LEU F 8 -18.41 -4.46 -17.57
N ILE F 9 -18.56 -3.15 -17.65
CA ILE F 9 -17.42 -2.26 -17.85
C ILE F 9 -17.15 -1.37 -16.62
N ILE F 10 -16.00 -1.61 -15.98
CA ILE F 10 -15.59 -0.86 -14.79
C ILE F 10 -14.51 0.13 -15.20
N ASP F 11 -14.87 1.40 -15.27
CA ASP F 11 -13.93 2.42 -15.68
C ASP F 11 -14.47 3.82 -15.43
N GLY F 12 -13.71 4.63 -14.69
CA GLY F 12 -14.14 5.98 -14.38
C GLY F 12 -14.09 6.95 -15.55
N ASP F 13 -13.62 6.47 -16.70
CA ASP F 13 -13.53 7.27 -17.91
C ASP F 13 -14.88 7.21 -18.63
N LYS F 14 -15.77 8.15 -18.31
CA LYS F 14 -17.11 8.22 -18.90
C LYS F 14 -17.10 8.05 -20.43
N ASP F 15 -16.06 8.60 -21.05
CA ASP F 15 -15.92 8.53 -22.50
C ASP F 15 -15.63 7.14 -23.06
N ASN F 16 -14.60 6.47 -22.53
CA ASN F 16 -14.24 5.12 -22.98
C ASN F 16 -15.47 4.23 -22.84
N CYS F 17 -16.24 4.44 -21.77
CA CYS F 17 -17.44 3.66 -21.54
C CYS F 17 -18.48 3.94 -22.63
N GLN F 18 -18.53 5.17 -23.12
CA GLN F 18 -19.46 5.57 -24.18
C GLN F 18 -19.14 4.77 -25.45
N LYS F 19 -17.92 4.93 -25.94
CA LYS F 19 -17.48 4.22 -27.13
C LYS F 19 -17.67 2.72 -26.97
N LEU F 20 -17.14 2.16 -25.90
CA LEU F 20 -17.25 0.72 -25.62
C LEU F 20 -18.68 0.23 -25.53
N LYS F 21 -19.48 0.93 -24.73
CA LYS F 21 -20.88 0.56 -24.56
C LYS F 21 -21.59 0.44 -25.92
N GLY F 22 -21.54 1.54 -26.69
CA GLY F 22 -22.18 1.56 -28.00
C GLY F 22 -21.72 0.49 -28.97
N PHE F 23 -20.40 0.40 -29.17
CA PHE F 23 -19.82 -0.59 -30.07
C PHE F 23 -20.38 -1.98 -29.80
N LEU F 24 -20.12 -2.48 -28.60
CA LEU F 24 -20.57 -3.81 -28.19
C LEU F 24 -22.08 -3.90 -28.07
N GLU F 25 -22.73 -2.75 -27.96
CA GLU F 25 -24.19 -2.69 -27.84
C GLU F 25 -24.72 -2.93 -29.26
N GLU F 26 -24.17 -2.15 -30.19
CA GLU F 26 -24.54 -2.25 -31.58
C GLU F 26 -24.17 -3.66 -32.06
N LYS F 27 -23.24 -4.30 -31.35
CA LYS F 27 -22.82 -5.66 -31.69
C LYS F 27 -23.75 -6.69 -31.05
N GLY F 28 -24.83 -6.21 -30.44
CA GLY F 28 -25.81 -7.10 -29.83
C GLY F 28 -25.62 -7.60 -28.41
N ILE F 29 -24.62 -7.07 -27.71
CA ILE F 29 -24.35 -7.49 -26.33
C ILE F 29 -24.84 -6.38 -25.41
N SER F 30 -25.44 -6.73 -24.27
CA SER F 30 -25.92 -5.70 -23.35
C SER F 30 -24.78 -5.33 -22.42
N ILE F 31 -24.68 -4.04 -22.13
CA ILE F 31 -23.60 -3.51 -21.30
C ILE F 31 -23.96 -2.72 -20.05
N ASP F 32 -23.37 -3.11 -18.92
CA ASP F 32 -23.56 -2.42 -17.66
C ASP F 32 -22.32 -1.59 -17.42
N LEU F 33 -22.48 -0.49 -16.69
CA LEU F 33 -21.37 0.39 -16.37
C LEU F 33 -21.19 0.57 -14.87
N ALA F 34 -19.95 0.70 -14.44
CA ALA F 34 -19.61 0.91 -13.05
C ALA F 34 -18.47 1.93 -13.17
N TYR F 35 -18.51 2.89 -12.29
CA TYR F 35 -17.48 3.94 -12.31
C TYR F 35 -16.55 4.04 -11.10
N ASN F 36 -16.69 3.08 -10.18
CA ASN F 36 -15.89 2.98 -8.99
C ASN F 36 -16.12 1.58 -8.44
N CYS F 37 -15.22 1.15 -7.57
CA CYS F 37 -15.31 -0.17 -6.98
C CYS F 37 -16.63 -0.49 -6.28
N GLU F 38 -17.13 0.46 -5.48
CA GLU F 38 -18.39 0.26 -4.77
C GLU F 38 -19.45 -0.08 -5.80
N GLU F 39 -19.51 0.74 -6.84
CA GLU F 39 -20.46 0.53 -7.91
C GLU F 39 -20.29 -0.85 -8.57
N ALA F 40 -19.06 -1.15 -8.97
CA ALA F 40 -18.72 -2.43 -9.60
C ALA F 40 -19.06 -3.63 -8.68
N ILE F 41 -18.67 -3.53 -7.41
CA ILE F 41 -18.93 -4.61 -6.46
C ILE F 41 -20.41 -4.89 -6.41
N GLY F 42 -21.22 -3.84 -6.42
CA GLY F 42 -22.64 -4.02 -6.36
C GLY F 42 -23.19 -4.81 -7.54
N LYS F 43 -22.82 -4.40 -8.75
CA LYS F 43 -23.28 -5.07 -9.96
C LYS F 43 -22.81 -6.51 -10.06
N ILE F 44 -21.65 -6.80 -9.49
CA ILE F 44 -21.08 -8.14 -9.49
C ILE F 44 -21.95 -9.11 -8.72
N PHE F 45 -22.55 -8.63 -7.64
CA PHE F 45 -23.44 -9.46 -6.83
C PHE F 45 -24.87 -9.46 -7.36
N SER F 46 -25.21 -8.46 -8.15
CA SER F 46 -26.57 -8.37 -8.68
C SER F 46 -26.72 -8.94 -10.08
N ASN F 47 -25.62 -9.33 -10.71
CA ASN F 47 -25.69 -9.89 -12.06
C ASN F 47 -24.61 -10.92 -12.36
N LYS F 48 -24.87 -11.81 -13.31
CA LYS F 48 -23.89 -12.81 -13.70
C LYS F 48 -23.40 -12.44 -15.10
N TYR F 49 -22.15 -12.01 -15.18
CA TYR F 49 -21.59 -11.57 -16.46
C TYR F 49 -20.75 -12.61 -17.16
N ASP F 50 -20.59 -12.41 -18.46
CA ASP F 50 -19.81 -13.32 -19.31
C ASP F 50 -18.37 -12.87 -19.39
N LEU F 51 -18.17 -11.56 -19.29
CA LEU F 51 -16.85 -10.97 -19.39
C LEU F 51 -16.89 -9.59 -18.70
N ILE F 52 -15.80 -9.24 -18.03
CA ILE F 52 -15.71 -7.97 -17.33
C ILE F 52 -14.47 -7.16 -17.71
N PHE F 53 -14.69 -5.94 -18.19
CA PHE F 53 -13.60 -5.06 -18.57
C PHE F 53 -13.25 -4.19 -17.38
N LEU F 54 -11.98 -4.19 -17.01
CA LEU F 54 -11.51 -3.48 -15.84
C LEU F 54 -10.33 -2.54 -16.05
N GLU F 55 -10.46 -1.33 -15.51
CA GLU F 55 -9.39 -0.34 -15.59
C GLU F 55 -8.59 -0.49 -14.27
N ILE F 56 -7.39 0.07 -14.24
CA ILE F 56 -6.57 -0.04 -13.03
C ILE F 56 -6.78 1.17 -12.14
N ILE F 57 -6.80 2.34 -12.76
CA ILE F 57 -7.01 3.62 -12.08
C ILE F 57 -8.48 3.82 -11.74
N LEU F 58 -8.82 3.69 -10.47
CA LEU F 58 -10.20 3.90 -10.04
C LEU F 58 -10.20 4.99 -8.97
N SER F 59 -11.36 5.58 -8.70
CA SER F 59 -11.48 6.64 -7.71
C SER F 59 -11.57 6.17 -6.26
N ASP F 60 -12.00 4.94 -6.04
CA ASP F 60 -12.14 4.41 -4.69
C ASP F 60 -11.36 3.10 -4.46
N GLY F 61 -10.26 2.94 -5.19
CA GLY F 61 -9.43 1.76 -5.07
C GLY F 61 -8.57 1.59 -6.32
N ASP F 62 -8.15 0.36 -6.60
CA ASP F 62 -7.35 0.12 -7.79
C ASP F 62 -7.76 -1.22 -8.43
N GLY F 63 -7.63 -1.29 -9.76
CA GLY F 63 -8.00 -2.49 -10.50
C GLY F 63 -7.39 -3.80 -10.04
N TRP F 64 -6.12 -3.76 -9.64
CA TRP F 64 -5.44 -4.96 -9.16
C TRP F 64 -6.17 -5.50 -7.92
N THR F 65 -6.48 -4.61 -6.98
CA THR F 65 -7.16 -5.00 -5.76
C THR F 65 -8.58 -5.47 -6.05
N LEU F 66 -9.31 -4.66 -6.83
CA LEU F 66 -10.69 -4.97 -7.19
C LEU F 66 -10.78 -6.32 -7.89
N CYS F 67 -9.75 -6.64 -8.68
CA CYS F 67 -9.71 -7.89 -9.40
C CYS F 67 -9.80 -9.08 -8.45
N LYS F 68 -8.82 -9.18 -7.56
CA LYS F 68 -8.80 -10.26 -6.58
C LYS F 68 -10.18 -10.33 -5.96
N LYS F 69 -10.75 -9.19 -5.62
CA LYS F 69 -12.08 -9.11 -5.02
C LYS F 69 -13.13 -9.75 -5.93
N ILE F 70 -13.21 -9.27 -7.16
CA ILE F 70 -14.15 -9.80 -8.13
C ILE F 70 -13.89 -11.31 -8.39
N ARG F 71 -12.62 -11.66 -8.53
CA ARG F 71 -12.22 -13.03 -8.83
C ARG F 71 -12.61 -14.02 -7.73
N ASN F 72 -12.55 -13.57 -6.49
CA ASN F 72 -12.91 -14.41 -5.37
C ASN F 72 -14.44 -14.57 -5.27
N VAL F 73 -15.15 -14.01 -6.25
CA VAL F 73 -16.61 -14.07 -6.27
C VAL F 73 -17.15 -14.76 -7.53
N THR F 74 -16.52 -14.51 -8.68
CA THR F 74 -16.97 -15.12 -9.93
C THR F 74 -15.80 -15.70 -10.74
N THR F 75 -16.09 -16.68 -11.57
CA THR F 75 -15.05 -17.30 -12.40
C THR F 75 -15.01 -16.55 -13.72
N CYS F 76 -16.00 -15.69 -13.90
CA CYS F 76 -16.13 -14.88 -15.10
C CYS F 76 -14.81 -14.23 -15.54
N PRO F 77 -14.57 -14.18 -16.86
CA PRO F 77 -13.37 -13.59 -17.45
C PRO F 77 -13.20 -12.10 -17.17
N ILE F 78 -12.00 -11.71 -16.78
CA ILE F 78 -11.69 -10.32 -16.49
C ILE F 78 -10.58 -9.81 -17.42
N VAL F 79 -10.89 -8.74 -18.15
CA VAL F 79 -9.94 -8.13 -19.08
C VAL F 79 -9.68 -6.67 -18.72
N TYR F 80 -8.41 -6.35 -18.45
CA TYR F 80 -7.97 -5.00 -18.10
C TYR F 80 -7.87 -4.06 -19.29
N THR F 82 -6.29 -0.18 -19.99
CA THR F 82 -5.57 0.91 -19.37
C THR F 82 -4.44 1.45 -20.24
N TYR F 83 -3.98 2.67 -19.91
CA TYR F 83 -2.87 3.29 -20.63
C TYR F 83 -1.56 2.80 -20.03
N ILE F 84 -1.63 2.26 -18.82
CA ILE F 84 -0.45 1.74 -18.14
C ILE F 84 0.08 0.64 -19.05
N ASN F 85 1.31 0.81 -19.51
CA ASN F 85 1.89 -0.18 -20.41
C ASN F 85 3.10 -0.90 -19.82
N GLU F 86 3.36 -0.65 -18.54
CA GLU F 86 4.49 -1.26 -17.82
C GLU F 86 4.31 -2.77 -17.70
N ASP F 87 5.38 -3.53 -17.93
CA ASP F 87 5.31 -4.98 -17.82
C ASP F 87 4.88 -5.44 -16.43
N GLN F 88 5.43 -4.80 -15.42
CA GLN F 88 5.12 -5.14 -14.03
C GLN F 88 3.62 -5.04 -13.75
N SER F 89 2.97 -4.04 -14.33
CA SER F 89 1.54 -3.84 -14.16
C SER F 89 0.79 -5.06 -14.70
N ILE F 90 1.13 -5.45 -15.94
CA ILE F 90 0.52 -6.61 -16.58
C ILE F 90 0.70 -7.90 -15.76
N LEU F 91 1.87 -8.08 -15.15
CA LEU F 91 2.13 -9.23 -14.30
C LEU F 91 1.16 -9.22 -13.13
N ASN F 92 1.14 -8.11 -12.40
CA ASN F 92 0.24 -7.94 -11.26
C ASN F 92 -1.20 -8.23 -11.67
N ALA F 93 -1.62 -7.62 -12.78
CA ALA F 93 -2.97 -7.77 -13.33
C ALA F 93 -3.33 -9.23 -13.59
N LEU F 94 -2.46 -9.93 -14.31
CA LEU F 94 -2.67 -11.32 -14.62
C LEU F 94 -2.63 -12.21 -13.38
N ASN F 95 -1.67 -11.94 -12.50
CA ASN F 95 -1.53 -12.73 -11.27
C ASN F 95 -2.69 -12.51 -10.31
N SER F 96 -3.30 -11.33 -10.38
CA SER F 96 -4.44 -11.02 -9.54
C SER F 96 -5.66 -11.83 -9.95
N GLY F 97 -5.63 -12.38 -11.16
CA GLY F 97 -6.73 -13.19 -11.63
C GLY F 97 -7.31 -12.72 -12.96
N GLY F 98 -6.65 -11.76 -13.60
CA GLY F 98 -7.14 -11.27 -14.87
C GLY F 98 -6.79 -12.25 -15.98
N ASP F 99 -7.46 -12.12 -17.12
CA ASP F 99 -7.21 -13.02 -18.23
C ASP F 99 -6.44 -12.32 -19.35
N ASP F 100 -6.83 -11.10 -19.67
CA ASP F 100 -6.11 -10.35 -20.68
C ASP F 100 -5.98 -8.91 -20.17
N TYR F 101 -5.08 -8.18 -20.79
CA TYR F 101 -4.78 -6.81 -20.42
C TYR F 101 -4.64 -6.03 -21.72
N LEU F 102 -5.52 -5.04 -21.94
CA LEU F 102 -5.49 -4.22 -23.15
C LEU F 102 -5.00 -2.79 -22.91
N ILE F 103 -4.07 -2.35 -23.76
CA ILE F 103 -3.54 -1.00 -23.64
C ILE F 103 -4.37 -0.06 -24.50
N LYS F 104 -4.99 0.94 -23.87
CA LYS F 104 -5.80 1.91 -24.60
C LYS F 104 -4.90 3.06 -25.04
N PRO F 105 -5.32 3.87 -26.02
CA PRO F 105 -6.57 3.83 -26.78
C PRO F 105 -6.92 2.45 -27.31
N LEU F 106 -8.10 1.98 -26.96
CA LEU F 106 -8.56 0.66 -27.38
C LEU F 106 -8.84 0.59 -28.87
N ASN F 107 -8.62 -0.58 -29.46
CA ASN F 107 -8.90 -0.81 -30.87
C ASN F 107 -10.19 -1.63 -30.81
N LEU F 108 -11.33 -0.97 -30.91
CA LEU F 108 -12.61 -1.66 -30.84
C LEU F 108 -12.70 -2.93 -31.65
N GLU F 109 -12.07 -2.93 -32.83
CA GLU F 109 -12.10 -4.11 -33.67
C GLU F 109 -11.33 -5.29 -33.08
N ILE F 110 -10.14 -5.02 -32.55
CA ILE F 110 -9.33 -6.07 -31.95
C ILE F 110 -9.92 -6.50 -30.62
N LEU F 111 -10.50 -5.54 -29.89
CA LEU F 111 -11.13 -5.82 -28.61
C LEU F 111 -12.30 -6.76 -28.84
N TYR F 112 -13.15 -6.43 -29.82
CA TYR F 112 -14.29 -7.27 -30.12
C TYR F 112 -13.83 -8.66 -30.58
N ALA F 113 -12.67 -8.70 -31.22
CA ALA F 113 -12.10 -9.96 -31.70
C ALA F 113 -11.77 -10.81 -30.48
N LYS F 114 -11.06 -10.22 -29.53
CA LYS F 114 -10.69 -10.93 -28.30
C LYS F 114 -11.97 -11.35 -27.59
N VAL F 115 -13.00 -10.50 -27.64
CA VAL F 115 -14.27 -10.82 -27.00
C VAL F 115 -14.85 -12.06 -27.64
N LYS F 116 -14.83 -12.09 -28.98
CA LYS F 116 -15.35 -13.24 -29.75
C LYS F 116 -14.54 -14.48 -29.41
N ALA F 117 -13.23 -14.31 -29.29
CA ALA F 117 -12.36 -15.42 -28.95
C ALA F 117 -12.61 -15.98 -27.56
N ILE F 118 -12.87 -15.11 -26.59
CA ILE F 118 -13.12 -15.54 -25.23
C ILE F 118 -14.47 -16.23 -25.07
N LEU F 119 -15.50 -15.67 -25.69
CA LEU F 119 -16.84 -16.25 -25.62
C LEU F 119 -16.90 -17.54 -26.42
N ARG F 120 -16.33 -17.49 -27.62
CA ARG F 120 -16.29 -18.63 -28.52
C ARG F 120 -15.82 -19.84 -27.71
N ARG F 121 -14.73 -19.62 -26.96
CA ARG F 121 -14.15 -20.65 -26.10
C ARG F 121 -14.98 -20.96 -24.86
N ASN F 123 -17.86 -20.87 -24.34
CA ASN F 123 -19.18 -21.39 -24.67
C ASN F 123 -19.11 -22.54 -25.68
N SER F 124 -18.05 -23.32 -25.59
CA SER F 124 -17.82 -24.47 -26.47
C SER F 124 -16.51 -25.14 -26.11
#